data_2VGZ
#
_entry.id   2VGZ
#
_cell.length_a   99.631
_cell.length_b   154.956
_cell.length_c   61.201
_cell.angle_alpha   90.00
_cell.angle_beta   90.00
_cell.angle_gamma   90.00
#
_symmetry.space_group_name_H-M   'P 21 21 2'
#
loop_
_entity.id
_entity.type
_entity.pdbx_description
1 polymer 'KYNURENINE/ALPHA-AMINOADIPATE AMINOTRANSFERASE'
2 non-polymer "PYRIDOXAL-5'-PHOSPHATE"
3 non-polymer 'IODIDE ION'
4 water water
#
_entity_poly.entity_id   1
_entity_poly.type   'polypeptide(L)'
_entity_poly.pdbx_seq_one_letter_code
;MLENYARFITAASAARNPSPIRTMTDILSRGPKSMISLAGGLPNPNMFPFKTAVITVENGKTIQFGEEMMKRALQYSPSA
GIPELLSWLKQLQIKLHNPPTIHYPPSQGQMDLCVTSGSQQGLCKVFEMIINPGDNVLLDEPAYSGTLQSLHPLGCNIIN
VASDESGIVPDSLRDILSRWKPEDAKNPQKNTPKFLYTVPNGNNPTGNSLTSERKKEIYELARKYDFLIIEDDPYYFLQF
NKFRVPTFLSMDVDGRVIRADSFSKIISSGLRIGFLTGPKPLIERVILHIQVSTLHPSTFNQLMISQLLHEWGEEGFMAH
VDRVIDFYSNQKDAILAAADKWLTGLAEWHVPAAGMFLWIKVKGINDVKELIEEKAVKMGVLMLPGNAFYVDSSAPSPYL
RASFSSASPEQMDVAFQVLAQLIKESL
;
_entity_poly.pdbx_strand_id   A,B
#
# COMPACT_ATOMS: atom_id res chain seq x y z
N MET A 1 21.19 14.22 -4.02
CA MET A 1 19.73 14.52 -3.81
C MET A 1 19.49 14.79 -2.32
N LEU A 2 20.00 13.91 -1.45
CA LEU A 2 19.61 13.86 -0.01
C LEU A 2 20.24 14.78 1.06
N GLU A 3 21.56 14.99 1.03
CA GLU A 3 22.35 15.47 2.19
C GLU A 3 21.66 16.56 3.00
N ASN A 4 20.11 18.04 1.82
CA ASN A 4 19.99 18.42 3.19
C ASN A 4 18.70 18.00 3.91
N TYR A 5 18.18 16.83 3.55
CA TYR A 5 17.06 16.23 4.26
C TYR A 5 17.50 14.98 5.01
N ALA A 6 18.79 14.64 4.93
CA ALA A 6 19.35 13.41 5.56
C ALA A 6 19.06 13.38 7.02
N ARG A 7 19.13 14.53 7.68
CA ARG A 7 18.85 14.62 9.10
C ARG A 7 17.45 14.19 9.47
N PHE A 8 16.53 14.25 8.52
CA PHE A 8 15.13 13.86 8.78
C PHE A 8 14.86 12.38 8.51
N ILE A 9 15.69 11.77 7.65
CA ILE A 9 15.54 10.43 7.04
C ILE A 9 16.16 9.35 7.96
N THR A 10 15.42 8.28 8.15
CA THR A 10 15.87 7.10 8.85
C THR A 10 17.07 6.44 8.11
N ALA A 11 17.76 5.47 8.72
CA ALA A 11 18.88 4.79 8.08
C ALA A 11 18.41 3.84 6.99
N ALA A 12 17.36 3.11 7.30
CA ALA A 12 16.69 2.23 6.38
C ALA A 12 16.17 3.06 5.18
N SER A 13 15.58 4.22 5.43
CA SER A 13 15.00 4.96 4.29
C SER A 13 16.11 5.39 3.31
N ALA A 14 17.22 5.90 3.83
CA ALA A 14 18.32 6.35 2.97
C ALA A 14 19.05 5.18 2.27
N ALA A 15 18.97 3.99 2.81
CA ALA A 15 19.58 2.84 2.13
C ALA A 15 18.84 2.36 0.91
N ARG A 16 17.56 2.74 0.72
CA ARG A 16 16.73 2.20 -0.38
C ARG A 16 17.32 2.63 -1.74
N ASN A 17 17.34 1.69 -2.70
CA ASN A 17 17.71 1.95 -4.09
C ASN A 17 16.53 1.78 -5.05
N PRO A 18 16.61 2.43 -6.25
CA PRO A 18 15.58 2.28 -7.30
C PRO A 18 15.31 0.82 -7.64
N SER A 19 14.03 0.46 -7.68
CA SER A 19 13.55 -0.90 -7.99
C SER A 19 12.28 -0.87 -8.88
N PRO A 20 12.38 -0.31 -10.12
CA PRO A 20 11.21 -0.28 -11.04
C PRO A 20 10.92 -1.65 -11.70
N SER A 34 16.76 0.22 -29.91
CA SER A 34 16.06 -0.79 -29.10
C SER A 34 14.58 -1.02 -29.45
N MET A 35 14.28 -1.29 -30.73
CA MET A 35 12.93 -1.71 -31.14
C MET A 35 12.47 -3.07 -30.52
N ILE A 36 13.37 -4.00 -30.24
CA ILE A 36 12.95 -5.28 -29.59
C ILE A 36 13.46 -5.39 -28.14
N SER A 37 12.55 -5.52 -27.18
CA SER A 37 12.95 -5.74 -25.78
C SER A 37 12.47 -7.06 -25.24
N LEU A 38 13.40 -7.86 -24.74
CA LEU A 38 13.08 -9.08 -24.00
C LEU A 38 13.48 -8.89 -22.56
N ALA A 39 13.72 -7.63 -22.19
CA ALA A 39 14.27 -7.28 -20.89
C ALA A 39 13.19 -6.92 -19.89
N GLY A 40 11.96 -6.81 -20.37
CA GLY A 40 10.86 -6.30 -19.55
C GLY A 40 10.20 -7.40 -18.74
N GLY A 41 9.60 -7.03 -17.63
CA GLY A 41 9.00 -8.03 -16.77
C GLY A 41 7.50 -7.99 -16.74
N LEU A 42 6.88 -7.51 -17.82
CA LEU A 42 5.42 -7.41 -17.87
C LEU A 42 4.73 -8.72 -18.36
N PRO A 43 3.61 -9.08 -17.73
CA PRO A 43 2.83 -10.17 -18.25
C PRO A 43 2.13 -9.69 -19.54
N ASN A 44 1.69 -10.64 -20.37
CA ASN A 44 0.83 -10.32 -21.51
C ASN A 44 -0.60 -9.89 -21.12
N PRO A 45 -0.98 -8.64 -21.44
CA PRO A 45 -2.29 -8.10 -21.08
C PRO A 45 -3.44 -8.71 -21.90
N ASN A 46 -3.08 -9.37 -22.99
CA ASN A 46 -4.06 -10.05 -23.81
C ASN A 46 -4.76 -11.22 -23.13
N MET A 47 -4.15 -11.72 -22.08
CA MET A 47 -4.64 -12.89 -21.39
C MET A 47 -5.68 -12.54 -20.32
N PHE A 48 -5.75 -11.25 -19.95
CA PHE A 48 -6.65 -10.79 -18.90
C PHE A 48 -8.07 -10.73 -19.46
N PRO A 49 -9.08 -11.18 -18.68
CA PRO A 49 -10.46 -11.42 -19.17
C PRO A 49 -11.39 -10.19 -19.40
N PHE A 50 -11.05 -9.03 -18.83
CA PHE A 50 -11.87 -7.83 -19.01
C PHE A 50 -11.41 -7.18 -20.28
N LYS A 51 -12.35 -6.86 -21.16
CA LYS A 51 -12.03 -6.37 -22.50
C LYS A 51 -12.33 -4.86 -22.79
N THR A 52 -13.43 -4.33 -22.24
CA THR A 52 -13.82 -2.93 -22.42
C THR A 52 -14.60 -2.49 -21.19
N ALA A 53 -14.65 -1.17 -20.95
CA ALA A 53 -15.38 -0.64 -19.81
C ALA A 53 -15.99 0.72 -20.14
N VAL A 54 -17.18 0.94 -19.63
CA VAL A 54 -17.93 2.14 -19.76
C VAL A 54 -18.35 2.56 -18.33
N ILE A 55 -18.01 3.78 -17.92
CA ILE A 55 -18.44 4.32 -16.62
C ILE A 55 -19.12 5.69 -16.85
N THR A 56 -20.36 5.85 -16.38
CA THR A 56 -21.06 7.08 -16.59
C THR A 56 -20.71 8.06 -15.49
N VAL A 57 -20.70 9.34 -15.86
CA VAL A 57 -20.40 10.43 -14.99
C VAL A 57 -21.64 11.33 -14.95
N GLU A 58 -22.08 11.69 -13.74
CA GLU A 58 -23.35 12.43 -13.62
C GLU A 58 -23.32 13.78 -14.32
N ASN A 59 -24.18 13.93 -15.33
CA ASN A 59 -24.18 15.09 -16.24
C ASN A 59 -22.85 15.40 -16.91
N GLY A 60 -22.01 14.36 -17.02
CA GLY A 60 -20.72 14.49 -17.64
C GLY A 60 -20.62 13.54 -18.81
N LYS A 61 -19.47 13.55 -19.45
CA LYS A 61 -19.13 12.65 -20.51
C LYS A 61 -18.76 11.25 -19.97
N THR A 62 -19.25 10.21 -20.64
CA THR A 62 -19.00 8.85 -20.28
C THR A 62 -17.53 8.52 -20.40
N ILE A 63 -16.99 7.83 -19.38
CA ILE A 63 -15.62 7.34 -19.46
C ILE A 63 -15.58 5.96 -20.14
N GLN A 64 -14.86 5.86 -21.24
CA GLN A 64 -14.84 4.66 -22.10
C GLN A 64 -13.40 4.10 -22.14
N PHE A 65 -13.26 2.81 -21.80
CA PHE A 65 -12.01 2.10 -22.05
C PHE A 65 -12.29 1.16 -23.23
N GLY A 66 -11.90 1.56 -24.45
CA GLY A 66 -11.92 0.68 -25.59
C GLY A 66 -10.90 -0.41 -25.36
N GLU A 67 -10.75 -1.25 -26.37
CA GLU A 67 -9.90 -2.41 -26.32
C GLU A 67 -8.43 -2.14 -25.87
N GLU A 68 -7.80 -1.10 -26.44
CA GLU A 68 -6.41 -0.82 -26.13
C GLU A 68 -6.20 -0.09 -24.80
N MET A 69 -7.14 0.77 -24.45
CA MET A 69 -7.04 1.49 -23.22
C MET A 69 -7.33 0.55 -22.04
N MET A 70 -8.14 -0.48 -22.27
CA MET A 70 -8.38 -1.54 -21.27
C MET A 70 -7.09 -2.33 -21.00
N LYS A 71 -6.37 -2.70 -22.03
CA LYS A 71 -5.08 -3.34 -21.87
C LYS A 71 -4.13 -2.52 -21.01
N ARG A 72 -4.08 -1.21 -21.25
CA ARG A 72 -3.32 -0.32 -20.40
C ARG A 72 -3.87 -0.28 -18.96
N ALA A 73 -5.19 -0.15 -18.79
CA ALA A 73 -5.80 -0.14 -17.45
C ALA A 73 -5.53 -1.38 -16.59
N LEU A 74 -5.29 -2.53 -17.21
CA LEU A 74 -5.08 -3.82 -16.52
C LEU A 74 -3.64 -4.16 -16.32
N GLN A 75 -2.76 -3.30 -16.83
CA GLN A 75 -1.33 -3.55 -16.79
C GLN A 75 -0.58 -2.67 -15.74
N TYR A 76 0.56 -3.16 -15.21
CA TYR A 76 1.46 -2.33 -14.41
C TYR A 76 1.72 -0.93 -15.02
N SER A 77 1.97 0.04 -14.15
CA SER A 77 2.30 1.38 -14.56
C SER A 77 3.34 2.06 -13.59
N PRO A 78 3.79 3.30 -13.89
CA PRO A 78 4.89 3.86 -13.10
C PRO A 78 4.52 4.03 -11.64
N SER A 79 5.52 3.77 -10.80
CA SER A 79 5.39 3.84 -9.32
C SER A 79 4.84 5.13 -8.78
N ALA A 80 5.24 6.25 -9.39
CA ALA A 80 4.74 7.57 -8.92
C ALA A 80 3.32 7.95 -9.43
N GLY A 81 2.74 7.15 -10.32
CA GLY A 81 1.43 7.42 -10.97
C GLY A 81 1.52 7.52 -12.46
N ILE A 82 0.42 7.47 -13.17
CA ILE A 82 0.41 7.70 -14.64
C ILE A 82 0.78 9.21 -14.96
N PRO A 83 1.56 9.45 -16.03
CA PRO A 83 2.09 10.77 -16.34
C PRO A 83 1.00 11.81 -16.50
N GLU A 84 -0.15 11.40 -17.04
CA GLU A 84 -1.24 12.36 -17.25
C GLU A 84 -1.95 12.75 -15.96
N LEU A 85 -2.09 11.84 -15.01
CA LEU A 85 -2.65 12.22 -13.71
C LEU A 85 -1.65 13.17 -13.01
N LEU A 86 -0.37 12.79 -13.00
CA LEU A 86 0.68 13.57 -12.39
C LEU A 86 0.74 14.98 -12.95
N SER A 87 0.78 15.13 -14.26
CA SER A 87 0.83 16.52 -14.81
C SER A 87 -0.44 17.32 -14.47
N TRP A 88 -1.60 16.67 -14.49
CA TRP A 88 -2.83 17.42 -14.22
C TRP A 88 -2.85 17.83 -12.76
N LEU A 89 -2.35 16.98 -11.87
CA LEU A 89 -2.31 17.31 -10.43
C LEU A 89 -1.26 18.36 -10.13
N LYS A 90 -0.16 18.34 -10.89
CA LYS A 90 0.91 19.29 -10.69
C LYS A 90 0.40 20.69 -11.06
N GLN A 91 -0.34 20.80 -12.17
CA GLN A 91 -0.94 22.06 -12.56
C GLN A 91 -2.04 22.53 -11.59
N LEU A 92 -2.82 21.59 -11.05
CA LEU A 92 -3.74 21.93 -10.00
C LEU A 92 -3.06 22.56 -8.77
N GLN A 93 -2.02 21.91 -8.24
CA GLN A 93 -1.31 22.47 -7.09
C GLN A 93 -0.75 23.90 -7.34
N ILE A 94 -0.23 24.12 -8.55
CA ILE A 94 0.31 25.41 -8.98
C ILE A 94 -0.78 26.47 -8.97
N LYS A 95 -1.91 26.19 -9.65
CA LYS A 95 -3.14 27.01 -9.56
C LYS A 95 -3.63 27.34 -8.15
N LEU A 96 -3.79 26.33 -7.30
CA LEU A 96 -4.33 26.54 -5.97
C LEU A 96 -3.36 27.11 -4.92
N HIS A 97 -2.07 26.77 -5.01
CA HIS A 97 -1.11 27.01 -3.93
C HIS A 97 0.08 27.84 -4.36
N ASN A 98 0.36 27.84 -5.65
CA ASN A 98 1.55 28.44 -6.23
C ASN A 98 2.82 28.33 -5.37
N PRO A 99 3.31 27.11 -5.13
CA PRO A 99 4.39 26.96 -4.13
C PRO A 99 5.71 27.55 -4.59
N PRO A 100 6.41 28.27 -3.69
CA PRO A 100 7.69 28.96 -4.07
C PRO A 100 8.67 27.97 -4.65
N THR A 101 8.47 26.73 -4.28
CA THR A 101 9.46 25.69 -4.36
C THR A 101 9.53 25.08 -5.80
N ILE A 102 8.58 25.42 -6.67
CA ILE A 102 8.54 24.83 -8.03
C ILE A 102 9.74 25.25 -8.87
N HIS A 103 10.38 26.34 -8.52
CA HIS A 103 11.52 26.83 -9.27
C HIS A 103 12.86 26.40 -8.68
N TYR A 104 12.86 25.64 -7.59
CA TYR A 104 14.15 25.33 -6.95
C TYR A 104 14.83 24.10 -7.57
N PRO A 105 16.17 23.98 -7.47
CA PRO A 105 16.82 22.68 -7.81
C PRO A 105 16.31 21.57 -6.88
N PRO A 106 16.45 20.30 -7.28
CA PRO A 106 16.04 19.12 -6.50
C PRO A 106 16.53 19.07 -5.05
N SER A 107 17.85 19.19 -4.87
CA SER A 107 18.51 19.15 -3.57
C SER A 107 17.92 20.17 -2.57
N GLN A 108 17.51 21.33 -3.07
CA GLN A 108 16.91 22.37 -2.22
C GLN A 108 15.37 22.22 -2.12
N GLY A 109 14.84 21.04 -2.41
CA GLY A 109 13.45 20.80 -2.13
C GLY A 109 12.46 21.19 -3.20
N GLN A 110 12.87 21.10 -4.47
CA GLN A 110 11.98 21.32 -5.60
C GLN A 110 10.69 20.54 -5.39
N MET A 111 9.54 21.22 -5.57
CA MET A 111 8.21 20.59 -5.41
C MET A 111 8.11 19.35 -6.34
N ASP A 112 7.72 18.19 -5.77
CA ASP A 112 7.42 17.01 -6.59
C ASP A 112 6.13 16.35 -6.09
N LEU A 113 5.52 15.49 -6.90
CA LEU A 113 4.26 14.87 -6.53
C LEU A 113 4.32 13.37 -6.70
N CYS A 114 3.53 12.68 -5.91
CA CYS A 114 3.45 11.24 -5.91
C CYS A 114 1.95 10.89 -5.81
N VAL A 115 1.41 10.05 -6.68
CA VAL A 115 0.06 9.54 -6.49
C VAL A 115 0.22 8.34 -5.57
N THR A 116 -0.64 8.24 -4.56
CA THR A 116 -0.57 7.19 -3.57
C THR A 116 -1.92 6.49 -3.53
N SER A 117 -1.93 5.31 -2.88
CA SER A 117 -3.12 4.53 -2.68
C SER A 117 -3.90 5.03 -1.48
N GLY A 118 -4.54 6.16 -1.65
CA GLY A 118 -5.14 6.86 -0.56
C GLY A 118 -4.10 7.79 -0.03
N SER A 119 -4.54 8.90 0.56
CA SER A 119 -3.63 9.81 1.24
C SER A 119 -2.95 9.18 2.48
N GLN A 120 -3.61 8.21 3.10
CA GLN A 120 -2.99 7.55 4.26
C GLN A 120 -1.78 6.68 3.98
N GLN A 121 -1.65 6.18 2.77
CA GLN A 121 -0.48 5.38 2.46
C GLN A 121 0.74 6.27 2.49
N GLY A 122 0.60 7.46 1.95
CA GLY A 122 1.66 8.40 1.77
C GLY A 122 2.05 8.88 3.14
N LEU A 123 1.06 9.18 3.96
CA LEU A 123 1.32 9.64 5.34
C LEU A 123 2.10 8.58 6.09
N CYS A 124 1.62 7.35 6.04
CA CYS A 124 2.32 6.25 6.64
C CYS A 124 3.79 6.09 6.18
N LYS A 125 4.05 6.19 4.87
CA LYS A 125 5.41 6.08 4.32
C LYS A 125 6.26 7.25 4.76
N VAL A 126 5.65 8.44 4.89
CA VAL A 126 6.35 9.60 5.43
C VAL A 126 6.76 9.44 6.92
N PHE A 127 5.84 8.98 7.78
CA PHE A 127 6.19 8.72 9.21
C PHE A 127 7.29 7.68 9.36
N GLU A 128 7.19 6.60 8.57
CA GLU A 128 8.17 5.53 8.56
C GLU A 128 9.56 5.99 8.04
N MET A 129 9.55 6.81 7.00
CA MET A 129 10.76 7.44 6.41
C MET A 129 11.46 8.32 7.47
N ILE A 130 10.68 8.95 8.34
CA ILE A 130 11.24 9.93 9.28
C ILE A 130 11.64 9.39 10.66
N ILE A 131 10.80 8.58 11.29
CA ILE A 131 10.88 8.38 12.76
C ILE A 131 11.76 7.20 13.20
N ASN A 132 12.69 7.50 14.10
CA ASN A 132 13.53 6.54 14.78
C ASN A 132 12.92 6.53 16.16
N PRO A 133 12.96 5.37 16.86
CA PRO A 133 12.56 5.29 18.29
C PRO A 133 13.20 6.42 19.15
N GLY A 134 12.44 7.02 20.03
CA GLY A 134 12.97 8.17 20.79
C GLY A 134 12.82 9.55 20.15
N ASP A 135 12.44 9.62 18.88
CA ASP A 135 12.32 10.93 18.23
C ASP A 135 11.21 11.74 18.84
N ASN A 136 11.37 13.07 18.87
CA ASN A 136 10.31 13.93 19.30
C ASN A 136 9.45 14.39 18.16
N VAL A 137 8.14 14.18 18.26
CA VAL A 137 7.20 14.77 17.29
C VAL A 137 6.08 15.58 17.93
N LEU A 138 5.66 16.61 17.21
CA LEU A 138 4.66 17.51 17.74
C LEU A 138 3.35 17.37 17.02
N LEU A 139 2.29 17.42 17.81
CA LEU A 139 0.96 17.50 17.28
C LEU A 139 -0.04 17.98 18.30
N ASP A 140 -1.24 18.32 17.84
CA ASP A 140 -2.32 18.77 18.71
C ASP A 140 -3.36 17.66 18.94
N GLU A 141 -3.67 17.39 20.21
CA GLU A 141 -4.79 16.52 20.56
C GLU A 141 -6.00 17.38 20.89
N PRO A 142 -7.21 16.88 20.64
CA PRO A 142 -7.53 15.58 20.06
C PRO A 142 -7.02 15.48 18.63
N ALA A 143 -6.61 14.29 18.25
CA ALA A 143 -6.11 14.06 16.91
C ALA A 143 -6.74 12.82 16.35
N TYR A 144 -6.64 12.66 15.03
CA TYR A 144 -7.17 11.49 14.36
C TYR A 144 -6.64 10.16 14.95
N SER A 145 -7.55 9.31 15.36
CA SER A 145 -7.16 8.06 15.94
C SER A 145 -6.27 7.22 15.00
N GLY A 146 -6.52 7.28 13.70
CA GLY A 146 -5.71 6.55 12.75
C GLY A 146 -4.27 7.02 12.68
N THR A 147 -4.07 8.33 12.77
CA THR A 147 -2.72 8.89 12.96
C THR A 147 -2.02 8.45 14.26
N LEU A 148 -2.72 8.52 15.40
CA LEU A 148 -2.21 8.05 16.66
C LEU A 148 -1.80 6.55 16.64
N GLN A 149 -2.58 5.70 15.99
CA GLN A 149 -2.25 4.25 15.97
C GLN A 149 -1.06 3.98 15.04
N SER A 150 -0.91 4.86 14.07
CA SER A 150 0.20 4.81 13.16
C SER A 150 1.51 5.19 13.85
N LEU A 151 1.49 6.26 14.65
CA LEU A 151 2.67 6.77 15.36
C LEU A 151 3.15 5.90 16.55
N HIS A 152 2.18 5.42 17.33
CA HIS A 152 2.44 4.56 18.50
C HIS A 152 3.49 3.44 18.30
N PRO A 153 3.34 2.57 17.28
CA PRO A 153 4.33 1.51 17.15
C PRO A 153 5.75 1.99 16.75
N LEU A 154 5.87 3.22 16.24
CA LEU A 154 7.17 3.74 15.75
C LEU A 154 8.06 4.20 16.90
N GLY A 155 7.48 4.19 18.11
CA GLY A 155 8.23 4.51 19.32
C GLY A 155 8.66 5.96 19.51
N CYS A 156 7.97 6.92 18.90
CA CYS A 156 8.40 8.31 19.12
C CYS A 156 7.79 8.92 20.38
N ASN A 157 8.40 9.96 20.96
CA ASN A 157 7.72 10.78 21.96
C ASN A 157 6.80 11.79 21.28
N ILE A 158 5.50 11.66 21.56
CA ILE A 158 4.48 12.56 21.05
C ILE A 158 4.28 13.71 22.03
N ILE A 159 4.60 14.91 21.59
CA ILE A 159 4.47 16.07 22.45
C ILE A 159 3.24 16.86 22.03
N ASN A 160 2.27 16.90 22.92
CA ASN A 160 1.01 17.56 22.67
C ASN A 160 1.19 19.07 22.61
N VAL A 161 0.54 19.70 21.66
CA VAL A 161 0.51 21.16 21.55
C VAL A 161 -0.95 21.59 21.76
N ALA A 162 -1.16 22.59 22.61
CA ALA A 162 -2.52 23.09 22.85
C ALA A 162 -3.16 23.58 21.54
N SER A 163 -4.44 23.27 21.37
CA SER A 163 -5.26 23.78 20.27
C SER A 163 -6.54 24.44 20.82
N ASP A 164 -7.21 25.27 20.02
CA ASP A 164 -8.52 25.81 20.41
C ASP A 164 -9.38 25.81 19.15
N GLU A 165 -10.36 26.70 19.07
CA GLU A 165 -11.33 26.64 17.95
C GLU A 165 -10.77 27.23 16.68
N SER A 166 -9.58 27.78 16.78
CA SER A 166 -8.84 28.20 15.62
C SER A 166 -7.61 27.31 15.42
N GLY A 167 -7.59 26.13 16.07
CA GLY A 167 -6.53 25.12 15.88
C GLY A 167 -5.32 25.34 16.77
N ILE A 168 -4.18 24.87 16.32
CA ILE A 168 -2.94 25.00 17.13
C ILE A 168 -2.71 26.43 17.62
N VAL A 169 -2.50 26.58 18.93
CA VAL A 169 -2.21 27.86 19.52
C VAL A 169 -0.68 28.10 19.45
N PRO A 170 -0.23 29.08 18.63
CA PRO A 170 1.20 29.38 18.42
C PRO A 170 2.02 29.67 19.69
N ASP A 171 1.38 30.28 20.69
CA ASP A 171 2.04 30.52 21.98
C ASP A 171 2.35 29.26 22.76
N SER A 172 1.52 28.25 22.59
CA SER A 172 1.76 26.93 23.21
C SER A 172 2.95 26.26 22.50
N LEU A 173 2.97 26.39 21.18
CA LEU A 173 4.01 25.79 20.37
C LEU A 173 5.32 26.45 20.71
N ARG A 174 5.30 27.79 20.82
CA ARG A 174 6.46 28.60 21.19
C ARG A 174 7.01 28.16 22.55
N ASP A 175 6.13 27.96 23.55
CA ASP A 175 6.53 27.56 24.90
C ASP A 175 7.12 26.15 24.97
N ILE A 176 6.49 25.19 24.31
CA ILE A 176 7.04 23.81 24.20
C ILE A 176 8.43 23.81 23.53
N LEU A 177 8.58 24.61 22.48
CA LEU A 177 9.80 24.60 21.74
C LEU A 177 10.91 25.27 22.51
N SER A 178 10.53 26.14 23.45
CA SER A 178 11.50 26.83 24.27
C SER A 178 12.41 25.86 25.05
N ARG A 179 12.06 24.59 25.13
CA ARG A 179 12.92 23.60 25.78
C ARG A 179 14.14 23.19 24.94
N TRP A 180 14.22 23.70 23.72
CA TRP A 180 15.29 23.35 22.81
C TRP A 180 15.96 24.61 22.32
N LYS A 181 17.23 24.51 22.01
CA LYS A 181 17.98 25.55 21.30
C LYS A 181 17.81 25.39 19.81
N PRO A 182 17.52 26.50 19.10
CA PRO A 182 17.52 26.64 17.66
C PRO A 182 18.78 26.11 17.03
N GLU A 183 19.94 26.45 17.58
CA GLU A 183 21.19 25.98 16.99
C GLU A 183 21.52 24.52 17.24
N ASP A 184 20.69 23.81 18.01
CA ASP A 184 20.86 22.34 18.13
C ASP A 184 20.23 21.56 16.98
N ALA A 185 19.41 22.19 16.15
CA ALA A 185 18.67 21.46 15.13
C ALA A 185 19.51 20.59 14.20
N LYS A 186 20.62 21.16 13.70
CA LYS A 186 21.49 20.47 12.77
C LYS A 186 22.66 19.77 13.51
N ASN A 187 22.66 19.84 14.86
CA ASN A 187 23.52 18.96 15.69
C ASN A 187 22.93 17.51 15.71
N PRO A 188 23.61 16.54 15.06
CA PRO A 188 23.08 15.15 14.94
C PRO A 188 22.89 14.48 16.32
N GLN A 189 23.61 14.98 17.33
CA GLN A 189 23.62 14.35 18.64
C GLN A 189 22.52 14.88 19.53
N LYS A 190 21.77 15.88 19.06
CA LYS A 190 20.72 16.53 19.88
C LYS A 190 19.36 16.12 19.34
N ASN A 191 18.34 16.05 20.17
CA ASN A 191 17.13 15.34 19.73
C ASN A 191 15.98 16.32 19.55
N THR A 192 16.17 17.30 18.69
CA THR A 192 15.16 18.33 18.43
C THR A 192 14.00 17.72 17.60
N PRO A 193 12.80 18.34 17.65
CA PRO A 193 11.63 17.79 16.93
C PRO A 193 11.88 17.57 15.47
N LYS A 194 11.56 16.38 14.94
CA LYS A 194 11.57 16.13 13.50
C LYS A 194 10.51 16.92 12.71
N PHE A 195 9.30 16.96 13.23
CA PHE A 195 8.16 17.57 12.50
C PHE A 195 7.01 17.96 13.40
N LEU A 196 6.21 18.86 12.88
CA LEU A 196 4.89 19.14 13.42
C LEU A 196 3.90 18.56 12.44
N TYR A 197 2.99 17.75 12.97
CA TYR A 197 1.93 17.18 12.19
C TYR A 197 0.68 17.95 12.51
N THR A 198 -0.05 18.41 11.51
CA THR A 198 -1.42 18.92 11.72
C THR A 198 -2.37 18.68 10.55
N VAL A 199 -3.66 18.72 10.87
CA VAL A 199 -4.76 18.75 9.89
C VAL A 199 -5.34 20.17 9.99
N PRO A 200 -4.90 21.08 9.13
CA PRO A 200 -5.29 22.48 9.34
C PRO A 200 -6.71 22.94 8.92
N ASN A 201 -7.45 22.11 8.18
CA ASN A 201 -8.89 22.33 7.91
C ASN A 201 -9.76 21.19 8.48
N GLY A 202 -10.65 21.52 9.40
CA GLY A 202 -11.67 20.57 9.84
C GLY A 202 -11.05 19.32 10.45
N ASN A 203 -10.18 19.54 11.42
CA ASN A 203 -9.55 18.47 12.15
C ASN A 203 -10.59 17.43 12.56
N ASN A 204 -10.29 16.18 12.27
CA ASN A 204 -11.04 15.03 12.80
C ASN A 204 -10.37 14.71 14.15
N PRO A 205 -11.12 14.84 15.27
CA PRO A 205 -12.57 14.93 15.42
C PRO A 205 -13.20 16.33 15.64
N THR A 206 -12.39 17.36 15.90
CA THR A 206 -12.92 18.64 16.42
C THR A 206 -13.72 19.49 15.45
N GLY A 207 -13.37 19.44 14.18
CA GLY A 207 -13.93 20.34 13.17
C GLY A 207 -13.34 21.74 13.08
N ASN A 208 -12.28 22.00 13.83
CA ASN A 208 -11.67 23.33 13.82
C ASN A 208 -10.56 23.41 12.81
N SER A 209 -10.29 24.64 12.42
CA SER A 209 -9.42 24.97 11.34
C SER A 209 -8.43 26.03 11.79
N LEU A 210 -7.19 25.91 11.36
CA LEU A 210 -6.19 26.99 11.42
C LEU A 210 -6.56 28.22 10.57
N THR A 211 -6.28 29.42 11.12
CA THR A 211 -6.39 30.69 10.40
C THR A 211 -5.05 30.97 9.72
N SER A 212 -5.03 31.86 8.74
CA SER A 212 -3.81 32.15 8.02
C SER A 212 -2.75 32.85 8.87
N GLU A 213 -3.18 33.67 9.82
CA GLU A 213 -2.27 34.34 10.76
C GLU A 213 -1.50 33.34 11.65
N ARG A 214 -2.21 32.33 12.13
CA ARG A 214 -1.57 31.27 12.91
C ARG A 214 -0.65 30.46 12.03
N LYS A 215 -1.10 30.11 10.83
CA LYS A 215 -0.23 29.46 9.89
C LYS A 215 1.10 30.23 9.71
N LYS A 216 1.09 31.53 9.39
CA LYS A 216 2.36 32.32 9.28
C LYS A 216 3.27 32.22 10.53
N GLU A 217 2.64 32.29 11.70
CA GLU A 217 3.33 32.20 12.97
C GLU A 217 3.97 30.82 13.14
N ILE A 218 3.23 29.78 12.78
CA ILE A 218 3.68 28.44 12.98
C ILE A 218 4.81 28.20 12.00
N TYR A 219 4.68 28.72 10.78
CA TYR A 219 5.68 28.50 9.77
C TYR A 219 7.04 29.11 10.23
N GLU A 220 6.95 30.30 10.82
CA GLU A 220 8.12 31.02 11.29
C GLU A 220 8.81 30.26 12.47
N LEU A 221 8.03 29.66 13.34
CA LEU A 221 8.52 28.70 14.35
C LEU A 221 9.20 27.46 13.75
N ALA A 222 8.60 26.90 12.71
CA ALA A 222 9.16 25.73 12.02
C ALA A 222 10.51 26.09 11.47
N ARG A 223 10.65 27.34 11.00
CA ARG A 223 11.89 27.83 10.43
C ARG A 223 12.93 28.04 11.53
N LYS A 224 12.50 28.65 12.63
CA LYS A 224 13.41 28.96 13.74
C LYS A 224 14.03 27.68 14.34
N TYR A 225 13.21 26.66 14.54
CA TYR A 225 13.67 25.38 15.11
C TYR A 225 13.94 24.30 14.06
N ASP A 226 13.82 24.64 12.77
CA ASP A 226 14.18 23.80 11.65
C ASP A 226 13.55 22.39 11.74
N PHE A 227 12.22 22.33 11.82
CA PHE A 227 11.55 21.07 11.69
C PHE A 227 10.64 21.08 10.43
N LEU A 228 10.17 19.91 10.05
CA LEU A 228 9.22 19.79 8.95
C LEU A 228 7.77 19.98 9.42
N ILE A 229 6.94 20.47 8.51
CA ILE A 229 5.51 20.53 8.74
C ILE A 229 4.93 19.43 7.84
N ILE A 230 4.17 18.54 8.46
CA ILE A 230 3.41 17.58 7.69
C ILE A 230 1.94 18.04 7.72
N GLU A 231 1.47 18.50 6.57
CA GLU A 231 0.14 19.08 6.40
C GLU A 231 -0.77 18.00 5.80
N ASP A 232 -1.51 17.36 6.67
CA ASP A 232 -2.40 16.31 6.26
C ASP A 232 -3.74 17.01 6.03
N ASP A 233 -4.21 17.11 4.78
CA ASP A 233 -5.30 18.05 4.52
C ASP A 233 -6.46 17.43 3.75
N PRO A 234 -7.08 16.36 4.30
CA PRO A 234 -8.14 15.71 3.54
C PRO A 234 -9.47 16.52 3.44
N TYR A 235 -9.61 17.61 4.18
CA TYR A 235 -10.86 18.41 4.09
C TYR A 235 -10.61 19.75 3.44
N TYR A 236 -9.47 19.89 2.75
CA TYR A 236 -9.12 21.16 2.13
C TYR A 236 -10.22 21.58 1.17
N PHE A 237 -10.78 20.60 0.44
CA PHE A 237 -11.85 20.87 -0.56
C PHE A 237 -13.26 20.84 0.08
N LEU A 238 -13.32 20.86 1.40
CA LEU A 238 -14.56 20.81 2.17
C LEU A 238 -14.60 21.93 3.20
N GLN A 239 -14.17 23.12 2.80
CA GLN A 239 -14.12 24.26 3.68
C GLN A 239 -15.43 25.03 3.49
N PHE A 240 -16.07 25.44 4.60
CA PHE A 240 -17.38 26.09 4.51
C PHE A 240 -17.31 27.60 4.29
N ASN A 241 -16.17 28.22 4.57
CA ASN A 241 -15.96 29.55 4.01
C ASN A 241 -15.52 29.44 2.56
N LYS A 242 -16.34 29.98 1.67
CA LYS A 242 -16.11 29.92 0.22
C LYS A 242 -14.75 30.53 -0.23
N PHE A 243 -14.08 31.30 0.64
CA PHE A 243 -12.67 31.58 0.40
C PHE A 243 -11.69 30.81 1.30
N ARG A 244 -10.97 29.88 0.68
CA ARG A 244 -10.08 28.91 1.34
C ARG A 244 -8.88 29.61 2.00
N VAL A 245 -8.48 29.15 3.18
CA VAL A 245 -7.27 29.64 3.86
C VAL A 245 -6.02 29.23 3.04
N PRO A 246 -5.02 30.14 2.91
CA PRO A 246 -3.73 29.73 2.31
C PRO A 246 -3.18 28.49 3.02
N THR A 247 -2.48 27.64 2.31
CA THR A 247 -1.95 26.41 2.90
C THR A 247 -0.49 26.63 3.37
N PHE A 248 0.04 25.70 4.16
CA PHE A 248 1.45 25.75 4.48
C PHE A 248 2.29 25.59 3.23
N LEU A 249 1.81 24.82 2.27
CA LEU A 249 2.55 24.61 1.05
C LEU A 249 2.70 25.95 0.24
N SER A 250 1.64 26.76 0.24
CA SER A 250 1.73 28.06 -0.45
C SER A 250 2.75 29.02 0.14
N MET A 251 3.15 28.84 1.40
CA MET A 251 4.10 29.78 2.01
C MET A 251 5.47 29.12 2.27
N ASP A 252 5.67 27.93 1.68
CA ASP A 252 6.85 27.10 1.94
C ASP A 252 8.13 27.58 1.21
N VAL A 253 8.70 28.70 1.67
CA VAL A 253 9.94 29.22 1.06
C VAL A 253 11.12 28.25 1.31
N ASP A 254 11.09 27.52 2.42
CA ASP A 254 12.23 26.67 2.82
C ASP A 254 12.18 25.25 2.31
N GLY A 255 11.08 24.83 1.68
CA GLY A 255 10.98 23.42 1.32
C GLY A 255 10.93 22.47 2.53
N ARG A 256 10.16 22.81 3.57
CA ARG A 256 10.01 21.99 4.76
C ARG A 256 8.55 21.44 4.93
N VAL A 257 7.75 21.57 3.89
CA VAL A 257 6.34 21.13 3.99
C VAL A 257 6.14 19.90 3.14
N ILE A 258 5.59 18.85 3.76
CA ILE A 258 5.06 17.68 3.02
C ILE A 258 3.52 17.75 3.13
N ARG A 259 2.83 17.67 1.98
CA ARG A 259 1.39 17.84 1.99
C ARG A 259 0.72 16.56 1.47
N ALA A 260 -0.27 16.06 2.21
CA ALA A 260 -1.06 14.93 1.75
C ALA A 260 -2.41 15.42 1.33
N ASP A 261 -2.77 15.17 0.07
CA ASP A 261 -4.16 15.41 -0.41
C ASP A 261 -4.91 14.10 -0.66
N SER A 262 -6.24 14.20 -0.52
CA SER A 262 -7.14 13.10 -0.61
C SER A 262 -8.27 13.41 -1.57
N PHE A 263 -8.56 12.45 -2.45
CA PHE A 263 -9.81 12.43 -3.21
C PHE A 263 -10.95 11.74 -2.45
N SER A 264 -10.68 11.22 -1.25
CA SER A 264 -11.65 10.34 -0.59
C SER A 264 -12.99 10.99 -0.31
N LYS A 265 -12.99 12.27 -0.01
CA LYS A 265 -14.24 12.93 0.41
C LYS A 265 -14.96 13.56 -0.78
N ILE A 266 -14.29 13.61 -1.94
CA ILE A 266 -14.67 14.44 -3.09
C ILE A 266 -15.04 13.62 -4.35
N ILE A 267 -14.26 12.57 -4.58
CA ILE A 267 -14.36 11.78 -5.81
C ILE A 267 -14.70 10.32 -5.51
N SER A 268 -13.98 9.74 -4.53
CA SER A 268 -14.16 8.34 -4.11
C SER A 268 -13.16 7.90 -3.06
N SER A 269 -13.68 7.42 -1.95
CA SER A 269 -12.84 6.84 -0.95
C SER A 269 -12.43 5.41 -1.31
N GLY A 270 -13.33 4.66 -1.92
CA GLY A 270 -13.05 3.27 -2.23
C GLY A 270 -12.15 3.00 -3.42
N LEU A 271 -11.80 4.03 -4.20
CA LEU A 271 -10.85 3.82 -5.30
C LEU A 271 -9.40 3.87 -4.82
N ARG A 272 -9.16 4.39 -3.64
CA ARG A 272 -7.80 4.36 -3.05
C ARG A 272 -6.81 5.14 -3.92
N ILE A 273 -7.10 6.43 -4.13
CA ILE A 273 -6.25 7.33 -4.88
C ILE A 273 -6.12 8.64 -4.08
N GLY A 274 -4.90 9.05 -3.76
CA GLY A 274 -4.67 10.32 -3.10
C GLY A 274 -3.32 10.75 -3.62
N PHE A 275 -2.73 11.77 -3.01
CA PHE A 275 -1.41 12.22 -3.48
C PHE A 275 -0.71 13.06 -2.45
N LEU A 276 0.60 13.11 -2.62
CA LEU A 276 1.54 13.69 -1.72
C LEU A 276 2.40 14.66 -2.51
N THR A 277 2.56 15.86 -1.98
CA THR A 277 3.36 16.93 -2.63
C THR A 277 4.47 17.30 -1.66
N GLY A 278 5.70 17.52 -2.11
CA GLY A 278 6.74 17.94 -1.18
C GLY A 278 8.08 17.98 -1.83
N PRO A 279 9.15 18.17 -1.03
CA PRO A 279 10.54 18.25 -1.49
C PRO A 279 10.91 17.00 -2.24
N LYS A 280 11.34 17.14 -3.49
CA LYS A 280 11.75 15.98 -4.33
C LYS A 280 12.55 14.88 -3.60
N PRO A 281 13.56 15.25 -2.77
CA PRO A 281 14.36 14.16 -2.11
C PRO A 281 13.51 13.32 -1.14
N LEU A 282 12.51 13.90 -0.50
CA LEU A 282 11.66 13.14 0.43
C LEU A 282 10.62 12.35 -0.35
N ILE A 283 10.05 12.99 -1.37
CA ILE A 283 9.12 12.30 -2.26
C ILE A 283 9.79 11.12 -2.93
N GLU A 284 11.04 11.29 -3.32
CA GLU A 284 11.85 10.20 -3.89
C GLU A 284 11.93 8.97 -2.94
N ARG A 285 12.16 9.21 -1.66
CA ARG A 285 12.19 8.16 -0.62
C ARG A 285 10.86 7.42 -0.48
N VAL A 286 9.74 8.16 -0.60
CA VAL A 286 8.41 7.54 -0.54
C VAL A 286 8.18 6.60 -1.72
N ILE A 287 8.56 7.13 -2.89
CA ILE A 287 8.45 6.37 -4.15
C ILE A 287 9.22 5.07 -4.06
N LEU A 288 10.44 5.08 -3.49
CA LEU A 288 11.29 3.89 -3.50
C LEU A 288 10.70 2.88 -2.58
N HIS A 289 10.07 3.36 -1.49
CA HIS A 289 9.34 2.48 -0.60
C HIS A 289 8.14 1.85 -1.34
N ILE A 290 7.42 2.65 -2.13
CA ILE A 290 6.23 2.16 -2.89
C ILE A 290 6.64 1.06 -3.89
N GLN A 291 7.78 1.26 -4.57
CA GLN A 291 8.28 0.34 -5.56
C GLN A 291 8.52 -1.07 -5.01
N VAL A 292 8.69 -1.21 -3.68
CA VAL A 292 8.83 -2.52 -3.08
C VAL A 292 7.60 -2.91 -2.23
N SER A 293 6.49 -2.16 -2.34
CA SER A 293 5.26 -2.52 -1.62
C SER A 293 4.06 -2.61 -2.54
N THR A 294 3.27 -1.53 -2.69
CA THR A 294 2.09 -1.57 -3.60
C THR A 294 2.46 -1.57 -5.09
N LEU A 295 3.71 -1.18 -5.36
CA LEU A 295 4.29 -0.94 -6.71
C LEU A 295 3.78 0.32 -7.38
N HIS A 296 2.46 0.53 -7.35
CA HIS A 296 1.77 1.72 -7.88
C HIS A 296 0.30 1.68 -7.46
N PRO A 297 -0.43 2.78 -7.55
CA PRO A 297 -1.87 2.61 -7.34
C PRO A 297 -2.51 2.02 -8.61
N SER A 298 -3.71 1.48 -8.43
CA SER A 298 -4.48 0.86 -9.52
C SER A 298 -4.44 1.73 -10.79
N THR A 299 -4.00 1.14 -11.89
CA THR A 299 -3.89 1.85 -13.16
C THR A 299 -5.27 2.18 -13.67
N PHE A 300 -6.15 1.21 -13.57
CA PHE A 300 -7.58 1.31 -13.89
C PHE A 300 -8.19 2.52 -13.16
N ASN A 301 -8.08 2.56 -11.83
CA ASN A 301 -8.66 3.66 -11.06
C ASN A 301 -8.05 5.01 -11.38
N GLN A 302 -6.74 5.04 -11.60
CA GLN A 302 -6.06 6.29 -11.96
C GLN A 302 -6.53 6.80 -13.32
N LEU A 303 -6.62 5.90 -14.30
CA LEU A 303 -7.16 6.25 -15.60
C LEU A 303 -8.62 6.73 -15.51
N MET A 304 -9.48 6.12 -14.68
CA MET A 304 -10.87 6.62 -14.56
C MET A 304 -10.86 8.07 -14.07
N ILE A 305 -10.07 8.33 -13.02
CA ILE A 305 -9.96 9.67 -12.44
C ILE A 305 -9.31 10.67 -13.41
N SER A 306 -8.25 10.24 -14.08
CA SER A 306 -7.59 11.12 -15.02
C SER A 306 -8.57 11.61 -16.12
N GLN A 307 -9.33 10.67 -16.69
CA GLN A 307 -10.30 11.01 -17.77
C GLN A 307 -11.33 11.98 -17.27
N LEU A 308 -11.82 11.72 -16.04
CA LEU A 308 -12.74 12.60 -15.37
C LEU A 308 -12.16 13.99 -15.24
N LEU A 309 -10.93 14.09 -14.72
CA LEU A 309 -10.41 15.41 -14.40
C LEU A 309 -10.07 16.19 -15.67
N HIS A 310 -9.58 15.51 -16.72
CA HIS A 310 -9.16 16.19 -17.93
C HIS A 310 -10.36 16.70 -18.70
N GLU A 311 -11.40 15.89 -18.73
CA GLU A 311 -12.68 16.33 -19.26
C GLU A 311 -13.29 17.49 -18.48
N TRP A 312 -13.20 17.48 -17.15
CA TRP A 312 -13.79 18.57 -16.38
C TRP A 312 -12.99 19.84 -16.51
N GLY A 313 -11.66 19.70 -16.64
CA GLY A 313 -10.72 20.81 -16.52
C GLY A 313 -10.77 21.35 -15.12
N GLU A 314 -9.93 22.32 -14.80
CA GLU A 314 -9.90 22.92 -13.46
C GLU A 314 -11.28 23.52 -13.06
N GLU A 315 -12.02 24.04 -14.03
CA GLU A 315 -13.31 24.68 -13.76
C GLU A 315 -14.43 23.71 -13.39
N GLY A 316 -14.58 22.62 -14.16
CA GLY A 316 -15.54 21.59 -13.86
C GLY A 316 -15.23 20.93 -12.52
N PHE A 317 -13.93 20.78 -12.23
CA PHE A 317 -13.49 20.27 -10.93
C PHE A 317 -13.93 21.18 -9.78
N MET A 318 -13.57 22.45 -9.86
CA MET A 318 -14.03 23.41 -8.85
C MET A 318 -15.56 23.55 -8.79
N ALA A 319 -16.28 23.45 -9.92
CA ALA A 319 -17.75 23.42 -9.84
C ALA A 319 -18.22 22.17 -9.09
N HIS A 320 -17.61 21.01 -9.37
CA HIS A 320 -18.01 19.81 -8.61
C HIS A 320 -17.73 20.02 -7.12
N VAL A 321 -16.57 20.61 -6.82
CA VAL A 321 -16.21 20.80 -5.41
C VAL A 321 -17.21 21.70 -4.73
N ASP A 322 -17.61 22.76 -5.42
CA ASP A 322 -18.65 23.68 -4.94
C ASP A 322 -19.98 23.04 -4.59
N ARG A 323 -20.47 22.15 -5.45
CA ARG A 323 -21.64 21.31 -5.14
C ARG A 323 -21.52 20.39 -3.89
N VAL A 324 -20.34 19.80 -3.68
CA VAL A 324 -20.09 18.93 -2.48
C VAL A 324 -20.08 19.78 -1.17
N ILE A 325 -19.38 20.92 -1.20
CA ILE A 325 -19.41 21.90 -0.09
C ILE A 325 -20.87 22.28 0.24
N ASP A 326 -21.67 22.70 -0.77
CA ASP A 326 -23.08 23.11 -0.56
C ASP A 326 -23.85 21.94 0.11
N PHE A 327 -23.72 20.75 -0.44
CA PHE A 327 -24.32 19.63 0.27
C PHE A 327 -23.89 19.46 1.74
N TYR A 328 -22.59 19.42 2.03
CA TYR A 328 -22.11 19.19 3.39
C TYR A 328 -22.48 20.34 4.26
N SER A 329 -22.50 21.52 3.64
CA SER A 329 -22.81 22.76 4.35
C SER A 329 -24.25 22.76 4.85
N ASN A 330 -25.16 22.20 4.06
CA ASN A 330 -26.54 22.00 4.51
C ASN A 330 -26.63 20.95 5.62
N GLN A 331 -25.78 19.92 5.55
CA GLN A 331 -25.78 18.92 6.63
C GLN A 331 -25.30 19.57 7.94
N LYS A 332 -24.30 20.44 7.83
CA LYS A 332 -23.78 21.15 8.98
C LYS A 332 -24.89 21.95 9.65
N ASP A 333 -25.57 22.81 8.89
CA ASP A 333 -26.74 23.53 9.39
C ASP A 333 -27.76 22.61 10.07
N ALA A 334 -28.10 21.52 9.40
CA ALA A 334 -29.05 20.56 9.97
C ALA A 334 -28.59 20.03 11.31
N ILE A 335 -27.32 19.63 11.44
CA ILE A 335 -26.90 19.02 12.68
C ILE A 335 -26.78 20.07 13.78
N LEU A 336 -26.49 21.32 13.39
CA LEU A 336 -26.40 22.42 14.35
C LEU A 336 -27.78 22.77 14.94
N ALA A 337 -28.81 22.79 14.09
CA ALA A 337 -30.19 22.99 14.53
C ALA A 337 -30.58 21.88 15.47
N ALA A 338 -30.34 20.63 15.08
CA ALA A 338 -30.65 19.55 15.99
C ALA A 338 -29.94 19.72 17.31
N ALA A 339 -28.67 20.16 17.30
CA ALA A 339 -27.92 20.41 18.54
C ALA A 339 -28.56 21.53 19.38
N ASP A 340 -28.95 22.64 18.73
CA ASP A 340 -29.59 23.73 19.47
C ASP A 340 -30.89 23.30 20.08
N LYS A 341 -31.72 22.59 19.31
CA LYS A 341 -32.98 22.08 19.83
C LYS A 341 -32.82 21.26 21.13
N TRP A 342 -32.00 20.21 21.08
CA TRP A 342 -31.97 19.22 22.17
C TRP A 342 -30.92 19.40 23.24
N LEU A 343 -29.87 20.18 22.96
CA LEU A 343 -28.66 20.11 23.80
C LEU A 343 -28.26 21.40 24.48
N THR A 344 -28.94 22.49 24.15
CA THR A 344 -28.71 23.77 24.81
C THR A 344 -28.68 23.62 26.33
N GLY A 345 -27.58 24.09 26.92
CA GLY A 345 -27.34 23.95 28.37
C GLY A 345 -27.07 22.51 28.80
N LEU A 346 -26.93 21.59 27.84
CA LEU A 346 -26.57 20.22 28.20
C LEU A 346 -25.18 19.85 27.66
N ALA A 347 -24.68 20.63 26.70
CA ALA A 347 -23.43 20.35 26.00
C ALA A 347 -22.81 21.62 25.43
N GLU A 348 -21.52 21.57 25.12
CA GLU A 348 -20.84 22.67 24.42
C GLU A 348 -20.30 22.18 23.09
N TRP A 349 -20.37 23.05 22.08
CA TRP A 349 -19.74 22.73 20.81
C TRP A 349 -19.37 23.99 20.06
N HIS A 350 -18.44 23.85 19.12
CA HIS A 350 -18.10 24.89 18.18
C HIS A 350 -18.77 24.61 16.84
N VAL A 351 -19.02 25.64 16.04
CA VAL A 351 -19.43 25.36 14.66
C VAL A 351 -18.20 24.92 13.81
N PRO A 352 -18.30 23.76 13.12
CA PRO A 352 -17.25 23.23 12.24
C PRO A 352 -16.93 24.19 11.13
N ALA A 353 -15.64 24.37 10.86
CA ALA A 353 -15.22 25.27 9.77
C ALA A 353 -15.06 24.52 8.47
N ALA A 354 -15.00 23.19 8.58
CA ALA A 354 -14.78 22.31 7.44
C ALA A 354 -15.01 20.89 7.91
N GLY A 355 -15.11 19.97 6.96
CA GLY A 355 -15.13 18.55 7.31
C GLY A 355 -16.52 18.04 7.55
N MET A 356 -16.63 17.00 8.36
CA MET A 356 -17.91 16.30 8.47
C MET A 356 -18.24 15.89 9.86
N PHE A 357 -17.61 16.53 10.83
CA PHE A 357 -17.84 16.17 12.23
C PHE A 357 -18.18 17.39 13.12
N LEU A 358 -19.04 17.12 14.09
CA LEU A 358 -19.33 18.00 15.16
C LEU A 358 -18.70 17.34 16.39
N TRP A 359 -18.07 18.15 17.21
CA TRP A 359 -17.41 17.63 18.39
C TRP A 359 -18.13 18.28 19.59
N ILE A 360 -18.73 17.43 20.41
CA ILE A 360 -19.58 17.86 21.52
C ILE A 360 -19.01 17.48 22.87
N LYS A 361 -18.87 18.50 23.72
CA LYS A 361 -18.53 18.31 25.11
C LYS A 361 -19.84 18.22 25.93
N VAL A 362 -20.06 17.08 26.57
CA VAL A 362 -21.20 16.93 27.47
C VAL A 362 -20.81 17.59 28.79
N LYS A 363 -21.63 18.53 29.26
CA LYS A 363 -21.39 19.19 30.55
C LYS A 363 -21.83 18.32 31.70
N GLY A 364 -21.08 18.38 32.81
CA GLY A 364 -21.49 17.69 34.04
C GLY A 364 -21.33 16.18 34.03
N ILE A 365 -20.56 15.68 33.06
CA ILE A 365 -20.20 14.25 33.06
C ILE A 365 -18.67 14.11 32.89
N ASN A 366 -18.09 13.06 33.47
CA ASN A 366 -16.64 12.86 33.37
C ASN A 366 -16.25 12.02 32.14
N ASP A 367 -16.87 10.86 32.00
CA ASP A 367 -16.59 9.95 30.88
C ASP A 367 -17.91 9.52 30.24
N VAL A 368 -18.00 9.73 28.93
CA VAL A 368 -19.24 9.43 28.22
C VAL A 368 -19.32 7.97 27.79
N LYS A 369 -18.21 7.24 27.96
CA LYS A 369 -18.03 5.90 27.38
C LYS A 369 -19.09 4.87 27.80
N GLU A 370 -19.55 4.94 29.06
CA GLU A 370 -20.63 4.08 29.58
C GLU A 370 -21.98 4.59 29.08
N LEU A 371 -22.07 5.92 29.02
CA LEU A 371 -23.27 6.63 28.60
C LEU A 371 -23.70 6.31 27.17
N ILE A 372 -22.73 6.13 26.28
CA ILE A 372 -22.98 5.87 24.86
C ILE A 372 -22.96 4.37 24.55
N GLU A 373 -21.95 3.68 25.05
CA GLU A 373 -21.63 2.34 24.55
C GLU A 373 -22.37 1.22 25.31
N GLU A 374 -23.30 1.60 26.17
CA GLU A 374 -24.25 0.64 26.73
C GLU A 374 -25.66 1.24 26.79
N LYS A 375 -25.75 2.44 27.35
CA LYS A 375 -27.02 3.09 27.65
C LYS A 375 -27.73 3.61 26.39
N ALA A 376 -26.98 4.27 25.50
CA ALA A 376 -27.57 4.80 24.26
C ALA A 376 -27.75 3.79 23.12
N VAL A 377 -26.90 2.75 23.09
CA VAL A 377 -27.04 1.66 22.11
C VAL A 377 -28.38 0.95 22.26
N LYS A 378 -28.87 0.87 23.51
CA LYS A 378 -30.18 0.29 23.80
C LYS A 378 -31.31 1.06 23.14
N MET A 379 -31.27 2.38 23.21
CA MET A 379 -32.28 3.24 22.60
C MET A 379 -32.06 3.42 21.10
N GLY A 380 -31.07 2.72 20.56
CA GLY A 380 -30.79 2.71 19.13
C GLY A 380 -30.01 3.90 18.58
N VAL A 381 -29.10 4.47 19.38
CA VAL A 381 -28.32 5.65 18.96
C VAL A 381 -26.83 5.54 19.35
N LEU A 382 -25.95 5.81 18.37
CA LEU A 382 -24.52 5.89 18.64
C LEU A 382 -23.87 7.20 18.21
N MET A 383 -22.92 7.63 19.05
CA MET A 383 -21.96 8.68 18.70
C MET A 383 -20.60 8.18 19.23
N LEU A 384 -19.51 8.65 18.63
CA LEU A 384 -18.18 8.15 19.00
C LEU A 384 -17.66 8.86 20.24
N PRO A 385 -17.34 8.10 21.31
CA PRO A 385 -16.72 8.72 22.49
C PRO A 385 -15.32 9.24 22.16
N GLY A 386 -14.92 10.34 22.80
CA GLY A 386 -13.69 11.03 22.49
C GLY A 386 -12.38 10.35 22.83
N ASN A 387 -12.42 9.31 23.65
CA ASN A 387 -11.20 8.66 24.13
C ASN A 387 -10.13 8.33 23.08
N ALA A 388 -10.54 7.79 21.93
CA ALA A 388 -9.56 7.33 20.91
C ALA A 388 -8.82 8.44 20.16
N PHE A 389 -9.14 9.70 20.49
CA PHE A 389 -8.50 10.83 19.84
C PHE A 389 -7.36 11.44 20.67
N TYR A 390 -7.01 10.77 21.76
CA TYR A 390 -5.90 11.17 22.63
C TYR A 390 -4.83 10.10 22.72
N VAL A 391 -3.59 10.55 22.93
CA VAL A 391 -2.46 9.65 23.05
C VAL A 391 -2.73 8.62 24.13
N ASP A 392 -3.29 9.06 25.26
CA ASP A 392 -3.71 8.12 26.31
C ASP A 392 -5.24 7.95 26.31
N SER A 393 -5.73 6.89 25.64
CA SER A 393 -7.16 6.73 25.41
C SER A 393 -7.90 6.13 26.59
N SER A 394 -7.17 5.72 27.61
CA SER A 394 -7.79 5.18 28.82
C SER A 394 -8.24 6.29 29.74
N ALA A 395 -7.69 7.48 29.56
CA ALA A 395 -8.12 8.66 30.31
C ALA A 395 -9.60 8.87 30.01
N PRO A 396 -10.37 9.37 30.99
CA PRO A 396 -11.81 9.64 30.73
C PRO A 396 -12.01 10.82 29.75
N SER A 397 -13.09 10.79 28.98
CA SER A 397 -13.38 11.90 28.09
C SER A 397 -14.83 12.30 28.19
N PRO A 398 -15.12 13.61 28.32
CA PRO A 398 -16.50 14.15 28.25
C PRO A 398 -17.05 14.36 26.82
N TYR A 399 -16.27 13.98 25.81
CA TYR A 399 -16.53 14.34 24.43
C TYR A 399 -17.12 13.22 23.55
N LEU A 400 -17.93 13.66 22.59
CA LEU A 400 -18.54 12.79 21.60
C LEU A 400 -18.27 13.38 20.24
N ARG A 401 -18.01 12.53 19.24
CA ARG A 401 -17.85 12.97 17.83
C ARG A 401 -19.07 12.53 17.03
N ALA A 402 -19.74 13.49 16.43
CA ALA A 402 -20.97 13.27 15.67
C ALA A 402 -20.73 13.50 14.18
N SER A 403 -20.98 12.51 13.34
CA SER A 403 -20.81 12.70 11.92
C SER A 403 -22.06 13.26 11.30
N PHE A 404 -21.95 14.29 10.46
CA PHE A 404 -23.11 14.74 9.72
C PHE A 404 -23.06 14.47 8.21
N SER A 405 -22.15 13.60 7.75
CA SER A 405 -22.08 13.34 6.30
C SER A 405 -23.32 12.68 5.68
N SER A 406 -24.02 11.85 6.47
CA SER A 406 -25.08 10.98 5.91
C SER A 406 -26.51 11.14 6.47
N ALA A 407 -26.64 11.39 7.77
CA ALA A 407 -27.94 11.33 8.40
C ALA A 407 -28.88 12.40 7.88
N SER A 408 -30.16 12.06 7.74
CA SER A 408 -31.15 13.05 7.33
C SER A 408 -31.48 13.92 8.54
N PRO A 409 -32.13 15.09 8.32
CA PRO A 409 -32.52 15.93 9.43
C PRO A 409 -33.44 15.23 10.45
N GLU A 410 -34.22 14.26 9.99
CA GLU A 410 -35.09 13.49 10.87
C GLU A 410 -34.29 12.60 11.81
N GLN A 411 -33.27 11.94 11.29
CA GLN A 411 -32.49 11.00 12.10
C GLN A 411 -31.66 11.79 13.09
N MET A 412 -31.23 12.98 12.68
CA MET A 412 -30.52 13.92 13.58
C MET A 412 -31.36 14.30 14.80
N ASP A 413 -32.62 14.67 14.58
CA ASP A 413 -33.54 14.94 15.68
C ASP A 413 -33.67 13.74 16.62
N VAL A 414 -33.80 12.54 16.06
CA VAL A 414 -33.96 11.33 16.89
C VAL A 414 -32.73 11.14 17.81
N ALA A 415 -31.52 11.26 17.23
CA ALA A 415 -30.25 10.99 17.95
C ALA A 415 -30.00 11.99 19.08
N PHE A 416 -30.31 13.27 18.83
CA PHE A 416 -30.08 14.34 19.81
C PHE A 416 -31.15 14.36 20.89
N GLN A 417 -32.35 13.90 20.55
CA GLN A 417 -33.42 13.68 21.53
C GLN A 417 -32.97 12.64 22.56
N VAL A 418 -32.62 11.46 22.07
CA VAL A 418 -32.12 10.39 22.92
C VAL A 418 -30.89 10.85 23.76
N LEU A 419 -29.99 11.62 23.16
CA LEU A 419 -28.80 12.08 23.85
C LEU A 419 -29.17 13.01 24.99
N ALA A 420 -29.96 14.04 24.69
CA ALA A 420 -30.52 14.92 25.69
C ALA A 420 -31.09 14.14 26.89
N GLN A 421 -31.87 13.09 26.59
CA GLN A 421 -32.52 12.28 27.64
C GLN A 421 -31.51 11.59 28.52
N LEU A 422 -30.58 10.84 27.90
CA LEU A 422 -29.58 10.09 28.66
C LEU A 422 -28.71 10.95 29.56
N ILE A 423 -28.42 12.17 29.10
CA ILE A 423 -27.65 13.13 29.91
C ILE A 423 -28.45 13.54 31.15
N LYS A 424 -29.74 13.82 30.98
CA LYS A 424 -30.67 14.08 32.09
C LYS A 424 -30.57 12.98 33.15
N GLU A 425 -30.67 11.73 32.72
CA GLU A 425 -30.52 10.55 33.60
C GLU A 425 -29.16 10.41 34.32
N SER A 426 -28.30 11.43 34.22
CA SER A 426 -27.01 11.42 34.92
C SER A 426 -26.42 12.84 34.96
N LEU A 427 -27.12 13.72 35.68
CA LEU A 427 -26.73 15.11 35.85
C LEU A 427 -26.62 15.47 37.33
N MET B 1 -3.76 -15.53 20.20
CA MET B 1 -2.66 -14.63 20.68
C MET B 1 -1.37 -14.91 19.92
N LEU B 2 -0.39 -14.04 20.14
CA LEU B 2 0.89 -14.15 19.46
C LEU B 2 1.88 -15.10 20.10
N GLU B 3 1.68 -15.43 21.39
CA GLU B 3 2.66 -16.15 22.22
C GLU B 3 3.52 -17.12 21.45
N ASN B 4 2.85 -18.40 20.09
CA ASN B 4 3.97 -19.14 19.51
C ASN B 4 4.70 -18.36 18.44
N TYR B 5 4.26 -17.14 18.13
CA TYR B 5 4.85 -16.42 16.99
C TYR B 5 5.70 -15.22 17.39
N ALA B 6 5.75 -14.95 18.69
CA ALA B 6 6.41 -13.74 19.21
C ALA B 6 7.88 -13.61 18.82
N ARG B 7 8.64 -14.71 18.84
CA ARG B 7 10.08 -14.62 18.48
C ARG B 7 10.31 -14.19 17.02
N PHE B 8 9.27 -14.31 16.19
CA PHE B 8 9.35 -13.96 14.80
C PHE B 8 9.02 -12.50 14.56
N ILE B 9 8.28 -11.90 15.48
CA ILE B 9 7.61 -10.59 15.29
C ILE B 9 8.45 -9.50 15.92
N THR B 10 8.51 -8.34 15.26
CA THR B 10 9.27 -7.15 15.67
C THR B 10 8.62 -6.39 16.90
N ALA B 11 9.35 -5.60 17.64
CA ALA B 11 8.69 -4.97 18.79
C ALA B 11 7.59 -4.01 18.31
N ALA B 12 7.81 -3.35 17.18
CA ALA B 12 6.84 -2.43 16.59
C ALA B 12 5.59 -3.13 16.07
N SER B 13 5.72 -4.28 15.41
CA SER B 13 4.56 -5.02 14.92
C SER B 13 3.66 -5.48 16.07
N ALA B 14 4.31 -6.06 17.08
CA ALA B 14 3.65 -6.50 18.31
C ALA B 14 2.92 -5.35 19.03
N ALA B 15 3.48 -4.15 18.94
CA ALA B 15 2.87 -2.94 19.54
C ALA B 15 1.60 -2.38 18.81
N ARG B 16 1.32 -2.83 17.57
CA ARG B 16 0.18 -2.31 16.79
C ARG B 16 -1.16 -2.70 17.43
N ASN B 17 -2.11 -1.77 17.39
CA ASN B 17 -3.48 -1.97 17.89
C ASN B 17 -4.45 -1.84 16.76
N PRO B 18 -5.65 -2.45 16.87
CA PRO B 18 -6.66 -2.28 15.82
C PRO B 18 -7.05 -0.83 15.54
N SER B 19 -7.21 -0.53 14.25
CA SER B 19 -7.47 0.83 13.80
C SER B 19 -8.48 0.82 12.62
N PRO B 20 -9.66 0.15 12.80
CA PRO B 20 -10.58 0.05 11.68
C PRO B 20 -11.37 1.35 11.50
N SER B 34 -34.47 0.43 14.34
CA SER B 34 -33.07 0.01 14.29
C SER B 34 -32.10 1.18 14.58
N MET B 35 -30.82 0.99 14.25
CA MET B 35 -29.75 1.88 14.73
C MET B 35 -29.51 3.08 13.84
N ILE B 36 -29.75 4.26 14.39
CA ILE B 36 -29.25 5.52 13.83
C ILE B 36 -27.87 5.81 14.42
N SER B 37 -26.85 5.68 13.57
CA SER B 37 -25.48 5.92 13.99
C SER B 37 -24.89 7.20 13.44
N LEU B 38 -24.41 8.06 14.35
CA LEU B 38 -23.63 9.23 13.99
C LEU B 38 -22.13 9.05 14.31
N ALA B 39 -21.73 7.80 14.52
CA ALA B 39 -20.39 7.45 14.99
C ALA B 39 -19.35 7.13 13.90
N GLY B 40 -19.81 6.90 12.69
CA GLY B 40 -18.93 6.43 11.62
C GLY B 40 -18.21 7.61 11.00
N GLY B 41 -17.17 7.31 10.23
CA GLY B 41 -16.40 8.34 9.52
C GLY B 41 -16.40 8.17 8.01
N LEU B 42 -17.48 7.60 7.44
CA LEU B 42 -17.57 7.42 5.99
C LEU B 42 -18.07 8.69 5.31
N PRO B 43 -17.46 9.10 4.18
CA PRO B 43 -18.10 10.23 3.53
C PRO B 43 -19.44 9.83 2.91
N ASN B 44 -20.16 10.80 2.39
CA ASN B 44 -21.41 10.52 1.69
C ASN B 44 -21.17 10.07 0.23
N PRO B 45 -21.56 8.83 -0.09
CA PRO B 45 -21.31 8.24 -1.42
C PRO B 45 -22.12 8.90 -2.57
N ASN B 46 -23.25 9.51 -2.23
CA ASN B 46 -24.08 10.20 -3.22
C ASN B 46 -23.40 11.40 -3.84
N MET B 47 -22.25 11.80 -3.29
CA MET B 47 -21.53 12.96 -3.81
C MET B 47 -20.50 12.57 -4.88
N PHE B 48 -20.23 11.26 -5.02
CA PHE B 48 -19.20 10.80 -5.91
C PHE B 48 -19.73 10.84 -7.34
N PRO B 49 -18.89 11.29 -8.30
CA PRO B 49 -19.39 11.56 -9.69
C PRO B 49 -19.65 10.33 -10.59
N PHE B 50 -19.00 9.19 -10.33
CA PHE B 50 -19.23 7.99 -11.20
C PHE B 50 -20.50 7.28 -10.74
N LYS B 51 -21.37 6.91 -11.70
CA LYS B 51 -22.73 6.47 -11.34
C LYS B 51 -23.06 4.98 -11.60
N THR B 52 -22.57 4.44 -12.72
CA THR B 52 -22.81 3.06 -13.11
C THR B 52 -21.61 2.64 -13.96
N ALA B 53 -21.34 1.34 -14.00
CA ALA B 53 -20.25 0.83 -14.83
C ALA B 53 -20.70 -0.43 -15.54
N VAL B 54 -20.21 -0.65 -16.74
CA VAL B 54 -20.51 -1.87 -17.47
C VAL B 54 -19.14 -2.34 -17.86
N ILE B 55 -18.83 -3.59 -17.54
CA ILE B 55 -17.53 -4.15 -17.83
C ILE B 55 -17.69 -5.44 -18.68
N THR B 56 -17.11 -5.44 -19.86
CA THR B 56 -17.09 -6.57 -20.77
C THR B 56 -16.02 -7.66 -20.46
N VAL B 57 -16.39 -8.94 -20.65
CA VAL B 57 -15.58 -10.11 -20.27
C VAL B 57 -15.50 -11.04 -21.48
N GLU B 58 -14.28 -11.35 -21.95
CA GLU B 58 -14.05 -11.98 -23.28
C GLU B 58 -15.22 -12.79 -23.93
N ASN B 59 -15.42 -14.05 -23.54
CA ASN B 59 -16.58 -14.86 -24.00
C ASN B 59 -17.49 -15.09 -22.81
N GLY B 60 -17.65 -14.05 -21.99
CA GLY B 60 -18.22 -14.20 -20.64
C GLY B 60 -19.39 -13.27 -20.41
N LYS B 61 -19.95 -13.41 -19.22
CA LYS B 61 -21.06 -12.60 -18.76
C LYS B 61 -20.56 -11.20 -18.37
N THR B 62 -21.10 -10.19 -19.06
CA THR B 62 -20.84 -8.77 -18.78
C THR B 62 -21.10 -8.42 -17.32
N ILE B 63 -20.15 -7.73 -16.73
CA ILE B 63 -20.29 -7.36 -15.35
C ILE B 63 -20.90 -5.97 -15.30
N GLN B 64 -21.94 -5.83 -14.51
CA GLN B 64 -22.64 -4.56 -14.44
C GLN B 64 -22.69 -4.03 -13.01
N PHE B 65 -22.31 -2.76 -12.83
CA PHE B 65 -22.49 -2.10 -11.54
C PHE B 65 -23.62 -1.11 -11.71
N GLY B 66 -24.78 -1.41 -11.13
CA GLY B 66 -25.91 -0.51 -11.16
C GLY B 66 -25.67 0.54 -10.11
N GLU B 67 -26.65 1.38 -9.87
CA GLU B 67 -26.50 2.55 -9.01
C GLU B 67 -26.06 2.25 -7.56
N GLU B 68 -26.70 1.27 -6.93
CA GLU B 68 -26.35 0.88 -5.56
C GLU B 68 -25.04 0.09 -5.41
N MET B 69 -24.69 -0.75 -6.39
CA MET B 69 -23.40 -1.42 -6.33
C MET B 69 -22.25 -0.47 -6.63
N MET B 70 -22.49 0.51 -7.47
CA MET B 70 -21.50 1.54 -7.72
C MET B 70 -21.22 2.36 -6.42
N LYS B 71 -22.25 2.63 -5.63
CA LYS B 71 -22.03 3.31 -4.35
C LYS B 71 -21.18 2.46 -3.37
N ARG B 72 -21.42 1.16 -3.32
CA ARG B 72 -20.55 0.27 -2.57
C ARG B 72 -19.10 0.33 -3.10
N ALA B 73 -18.93 0.17 -4.40
CA ALA B 73 -17.63 0.12 -5.04
C ALA B 73 -16.81 1.38 -4.88
N LEU B 74 -17.46 2.53 -4.70
CA LEU B 74 -16.74 3.81 -4.59
C LEU B 74 -16.47 4.17 -3.16
N GLN B 75 -16.87 3.29 -2.23
CA GLN B 75 -16.81 3.61 -0.79
C GLN B 75 -15.79 2.74 -0.03
N TYR B 76 -15.38 3.15 1.16
CA TYR B 76 -14.44 2.35 1.98
C TYR B 76 -15.06 0.95 2.26
N SER B 77 -14.21 -0.03 2.55
CA SER B 77 -14.64 -1.40 2.74
C SER B 77 -13.61 -2.03 3.68
N PRO B 78 -13.85 -3.25 4.19
CA PRO B 78 -12.92 -3.78 5.27
C PRO B 78 -11.47 -3.97 4.86
N SER B 79 -10.61 -3.80 5.85
CA SER B 79 -9.17 -3.96 5.70
C SER B 79 -8.69 -5.26 5.10
N ALA B 80 -9.25 -6.38 5.55
CA ALA B 80 -8.83 -7.70 5.02
C ALA B 80 -9.39 -8.06 3.63
N GLY B 81 -10.30 -7.24 3.09
CA GLY B 81 -10.95 -7.50 1.81
C GLY B 81 -12.45 -7.49 2.00
N ILE B 82 -13.21 -7.45 0.90
CA ILE B 82 -14.67 -7.58 0.94
C ILE B 82 -15.03 -9.04 1.24
N PRO B 83 -16.07 -9.30 2.07
CA PRO B 83 -16.36 -10.68 2.49
C PRO B 83 -16.59 -11.67 1.36
N GLU B 84 -17.23 -11.28 0.26
CA GLU B 84 -17.46 -12.22 -0.85
C GLU B 84 -16.13 -12.71 -1.47
N LEU B 85 -15.17 -11.81 -1.62
CA LEU B 85 -13.88 -12.23 -2.20
C LEU B 85 -13.11 -13.16 -1.27
N LEU B 86 -13.05 -12.79 0.01
CA LEU B 86 -12.32 -13.53 1.01
C LEU B 86 -12.84 -14.96 1.08
N SER B 87 -14.16 -15.11 1.14
CA SER B 87 -14.82 -16.41 1.19
C SER B 87 -14.56 -17.23 -0.07
N TRP B 88 -14.70 -16.60 -1.24
CA TRP B 88 -14.35 -17.29 -2.49
C TRP B 88 -12.88 -17.76 -2.45
N LEU B 89 -11.97 -16.89 -2.03
CA LEU B 89 -10.54 -17.26 -2.02
C LEU B 89 -10.16 -18.35 -0.99
N LYS B 90 -10.84 -18.36 0.16
CA LYS B 90 -10.60 -19.38 1.17
C LYS B 90 -10.95 -20.79 0.66
N GLN B 91 -12.10 -20.87 0.00
CA GLN B 91 -12.62 -22.10 -0.61
C GLN B 91 -11.74 -22.54 -1.72
N LEU B 92 -11.29 -21.61 -2.55
CA LEU B 92 -10.17 -21.89 -3.48
C LEU B 92 -8.93 -22.52 -2.81
N GLN B 93 -8.40 -21.91 -1.76
CA GLN B 93 -7.22 -22.45 -1.08
C GLN B 93 -7.43 -23.87 -0.52
N ILE B 94 -8.62 -24.13 0.02
CA ILE B 94 -8.94 -25.40 0.59
C ILE B 94 -9.05 -26.44 -0.52
N LYS B 95 -9.78 -26.11 -1.56
CA LYS B 95 -9.87 -27.00 -2.72
C LYS B 95 -8.46 -27.33 -3.27
N LEU B 96 -7.59 -26.35 -3.42
CA LEU B 96 -6.28 -26.60 -4.04
C LEU B 96 -5.21 -27.18 -3.09
N HIS B 97 -5.20 -26.73 -1.83
CA HIS B 97 -4.06 -26.99 -0.94
C HIS B 97 -4.46 -27.78 0.28
N ASN B 98 -5.76 -27.79 0.58
CA ASN B 98 -6.26 -28.46 1.79
C ASN B 98 -5.33 -28.33 3.02
N PRO B 99 -5.11 -27.09 3.50
CA PRO B 99 -4.07 -26.89 4.51
C PRO B 99 -4.47 -27.48 5.85
N PRO B 100 -3.52 -28.17 6.51
CA PRO B 100 -3.90 -28.92 7.70
C PRO B 100 -4.30 -27.99 8.84
N THR B 101 -3.88 -26.73 8.73
CA THR B 101 -4.16 -25.73 9.76
C THR B 101 -5.56 -25.18 9.78
N ILE B 102 -6.38 -25.41 8.77
CA ILE B 102 -7.72 -24.85 8.80
C ILE B 102 -8.50 -25.29 10.04
N HIS B 103 -8.11 -26.45 10.56
CA HIS B 103 -8.67 -27.13 11.71
C HIS B 103 -8.03 -26.80 13.08
N TYR B 104 -7.02 -25.92 13.15
CA TYR B 104 -6.33 -25.67 14.42
C TYR B 104 -6.89 -24.42 15.14
N PRO B 105 -6.71 -24.31 16.48
CA PRO B 105 -6.95 -22.99 17.15
C PRO B 105 -6.12 -21.81 16.56
N PRO B 106 -6.57 -20.55 16.77
CA PRO B 106 -5.80 -19.37 16.28
C PRO B 106 -4.32 -19.28 16.78
N SER B 107 -4.11 -19.46 18.07
CA SER B 107 -2.74 -19.44 18.65
C SER B 107 -1.81 -20.46 18.00
N GLN B 108 -2.38 -21.57 17.49
CA GLN B 108 -1.62 -22.66 16.83
C GLN B 108 -1.44 -22.47 15.31
N GLY B 109 -1.80 -21.32 14.80
CA GLY B 109 -1.61 -21.09 13.38
C GLY B 109 -2.78 -21.37 12.44
N GLN B 110 -4.01 -21.33 12.94
CA GLN B 110 -5.21 -21.47 12.10
C GLN B 110 -5.06 -20.65 10.85
N MET B 111 -5.26 -21.30 9.70
CA MET B 111 -5.20 -20.66 8.36
C MET B 111 -6.09 -19.46 8.31
N ASP B 112 -5.53 -18.35 7.85
CA ASP B 112 -6.30 -17.15 7.57
C ASP B 112 -5.82 -16.48 6.28
N LEU B 113 -6.62 -15.57 5.76
CA LEU B 113 -6.32 -14.96 4.49
C LEU B 113 -6.65 -13.46 4.51
N CYS B 114 -5.93 -12.70 3.71
CA CYS B 114 -6.03 -11.24 3.66
C CYS B 114 -5.91 -10.88 2.17
N VAL B 115 -6.88 -10.14 1.62
CA VAL B 115 -6.69 -9.52 0.30
C VAL B 115 -5.72 -8.33 0.45
N THR B 116 -4.71 -8.27 -0.41
CA THR B 116 -3.76 -7.20 -0.32
C THR B 116 -3.72 -6.51 -1.65
N SER B 117 -3.17 -5.30 -1.67
CA SER B 117 -3.01 -4.52 -2.88
C SER B 117 -1.82 -4.99 -3.72
N GLY B 118 -1.99 -6.13 -4.37
CA GLY B 118 -0.95 -6.83 -5.07
C GLY B 118 -0.27 -7.67 -4.03
N SER B 119 0.34 -8.76 -4.46
CA SER B 119 1.02 -9.68 -3.55
C SER B 119 2.37 -9.15 -3.00
N GLN B 120 3.01 -8.21 -3.69
CA GLN B 120 4.18 -7.52 -3.12
C GLN B 120 3.88 -6.76 -1.85
N GLN B 121 2.66 -6.25 -1.71
CA GLN B 121 2.35 -5.51 -0.52
C GLN B 121 2.35 -6.44 0.70
N GLY B 122 1.75 -7.61 0.54
CA GLY B 122 1.66 -8.57 1.62
C GLY B 122 3.06 -9.01 2.01
N LEU B 123 3.89 -9.27 1.01
CA LEU B 123 5.24 -9.73 1.25
C LEU B 123 6.10 -8.75 2.00
N CYS B 124 6.10 -7.52 1.53
CA CYS B 124 6.73 -6.42 2.20
C CYS B 124 6.28 -6.19 3.65
N LYS B 125 4.98 -6.22 3.89
CA LYS B 125 4.51 -6.13 5.28
C LYS B 125 4.96 -7.30 6.14
N VAL B 126 5.09 -8.48 5.53
CA VAL B 126 5.61 -9.69 6.19
C VAL B 126 7.09 -9.52 6.52
N PHE B 127 7.93 -9.06 5.56
CA PHE B 127 9.35 -8.79 5.85
C PHE B 127 9.47 -7.73 6.93
N GLU B 128 8.67 -6.66 6.82
CA GLU B 128 8.73 -5.58 7.83
C GLU B 128 8.32 -6.05 9.25
N MET B 129 7.30 -6.91 9.30
CA MET B 129 6.85 -7.58 10.54
C MET B 129 7.94 -8.43 11.28
N ILE B 130 8.85 -9.02 10.52
CA ILE B 130 9.74 -10.05 11.04
C ILE B 130 11.14 -9.53 11.30
N ILE B 131 11.65 -8.68 10.42
CA ILE B 131 13.07 -8.37 10.39
C ILE B 131 13.51 -7.24 11.28
N ASN B 132 14.35 -7.59 12.25
CA ASN B 132 15.23 -6.66 12.97
C ASN B 132 16.62 -6.57 12.29
N PRO B 133 17.26 -5.39 12.34
CA PRO B 133 18.63 -5.31 11.81
C PRO B 133 19.55 -6.39 12.43
N GLY B 134 20.41 -7.01 11.61
CA GLY B 134 21.26 -8.11 12.09
C GLY B 134 20.62 -9.50 12.07
N ASP B 135 19.30 -9.59 11.84
CA ASP B 135 18.63 -10.88 11.70
C ASP B 135 19.19 -11.68 10.49
N ASN B 136 19.20 -13.00 10.59
CA ASN B 136 19.68 -13.87 9.53
C ASN B 136 18.51 -14.36 8.72
N VAL B 137 18.64 -14.32 7.41
CA VAL B 137 17.54 -14.88 6.61
C VAL B 137 18.10 -15.68 5.50
N LEU B 138 17.29 -16.63 5.05
CA LEU B 138 17.75 -17.57 4.04
C LEU B 138 17.01 -17.40 2.70
N LEU B 139 17.80 -17.39 1.62
CA LEU B 139 17.24 -17.43 0.24
C LEU B 139 18.27 -17.98 -0.72
N ASP B 140 17.77 -18.50 -1.85
CA ASP B 140 18.62 -18.93 -2.95
C ASP B 140 18.74 -17.81 -3.97
N GLU B 141 19.98 -17.44 -4.31
CA GLU B 141 20.31 -16.57 -5.43
C GLU B 141 20.55 -17.38 -6.68
N PRO B 142 20.25 -16.85 -7.88
CA PRO B 142 19.61 -15.52 -8.19
C PRO B 142 18.17 -15.44 -7.72
N ALA B 143 17.81 -14.29 -7.19
CA ALA B 143 16.50 -14.08 -6.63
C ALA B 143 15.91 -12.85 -7.28
N TYR B 144 14.59 -12.68 -7.19
CA TYR B 144 13.96 -11.52 -7.80
C TYR B 144 14.55 -10.23 -7.22
N SER B 145 14.95 -9.34 -8.13
CA SER B 145 15.63 -8.09 -7.75
C SER B 145 14.80 -7.23 -6.78
N GLY B 146 13.49 -7.22 -7.00
CA GLY B 146 12.58 -6.54 -6.07
C GLY B 146 12.57 -7.02 -4.62
N THR B 147 12.57 -8.33 -4.40
CA THR B 147 12.78 -8.88 -3.07
C THR B 147 14.12 -8.45 -2.46
N LEU B 148 15.18 -8.51 -3.26
CA LEU B 148 16.51 -8.08 -2.78
C LEU B 148 16.50 -6.62 -2.32
N GLN B 149 15.86 -5.74 -3.11
CA GLN B 149 15.84 -4.32 -2.77
C GLN B 149 14.91 -4.01 -1.58
N SER B 150 13.99 -4.93 -1.28
CA SER B 150 13.13 -4.76 -0.13
C SER B 150 13.85 -5.21 1.14
N LEU B 151 14.64 -6.28 1.04
CA LEU B 151 15.38 -6.82 2.19
C LEU B 151 16.60 -5.98 2.61
N HIS B 152 17.28 -5.42 1.62
CA HIS B 152 18.47 -4.62 1.83
C HIS B 152 18.32 -3.48 2.85
N PRO B 153 17.32 -2.60 2.70
CA PRO B 153 17.27 -1.57 3.74
C PRO B 153 16.87 -2.05 5.14
N LEU B 154 16.31 -3.25 5.27
CA LEU B 154 15.98 -3.83 6.56
C LEU B 154 17.20 -4.28 7.42
N GLY B 155 18.38 -4.42 6.82
CA GLY B 155 19.61 -4.63 7.61
C GLY B 155 19.91 -6.04 8.12
N CYS B 156 19.24 -7.04 7.52
CA CYS B 156 19.46 -8.43 7.87
C CYS B 156 20.61 -8.98 7.06
N ASN B 157 21.23 -10.07 7.53
CA ASN B 157 22.18 -10.77 6.69
C ASN B 157 21.40 -11.77 5.91
N ILE B 158 21.59 -11.69 4.61
CA ILE B 158 21.00 -12.63 3.71
C ILE B 158 22.02 -13.72 3.54
N ILE B 159 21.62 -14.95 3.84
CA ILE B 159 22.49 -16.09 3.71
C ILE B 159 22.02 -16.91 2.51
N ASN B 160 22.89 -16.95 1.49
CA ASN B 160 22.64 -17.66 0.23
C ASN B 160 22.69 -19.19 0.31
N VAL B 161 21.62 -19.82 -0.13
CA VAL B 161 21.49 -21.26 -0.21
C VAL B 161 21.70 -21.66 -1.67
N ALA B 162 22.48 -22.69 -1.92
CA ALA B 162 22.71 -23.16 -3.31
C ALA B 162 21.40 -23.64 -3.96
N SER B 163 21.29 -23.39 -5.28
CA SER B 163 20.19 -23.88 -6.11
C SER B 163 20.71 -24.44 -7.45
N ASP B 164 19.84 -25.13 -8.19
CA ASP B 164 20.17 -25.76 -9.47
C ASP B 164 18.87 -25.88 -10.23
N GLU B 165 18.81 -26.65 -11.33
CA GLU B 165 17.57 -26.71 -12.11
C GLU B 165 16.32 -27.23 -11.35
N SER B 166 16.51 -27.72 -10.13
CA SER B 166 15.33 -28.11 -9.33
C SER B 166 15.14 -27.26 -8.08
N GLY B 167 15.72 -26.06 -8.09
CA GLY B 167 15.50 -25.09 -7.02
C GLY B 167 16.54 -25.26 -5.93
N ILE B 168 16.13 -24.88 -4.72
CA ILE B 168 16.95 -25.01 -3.54
C ILE B 168 17.43 -26.46 -3.43
N VAL B 169 18.72 -26.64 -3.24
CA VAL B 169 19.33 -27.94 -2.94
C VAL B 169 19.32 -28.14 -1.41
N PRO B 170 18.54 -29.12 -0.92
CA PRO B 170 18.38 -29.33 0.52
C PRO B 170 19.69 -29.69 1.23
N ASP B 171 20.61 -30.34 0.52
CA ASP B 171 21.96 -30.55 1.08
C ASP B 171 22.70 -29.27 1.44
N SER B 172 22.61 -28.24 0.59
CA SER B 172 23.20 -26.93 0.89
C SER B 172 22.51 -26.25 2.12
N LEU B 173 21.21 -26.39 2.21
CA LEU B 173 20.46 -25.85 3.33
C LEU B 173 20.84 -26.55 4.63
N ARG B 174 20.94 -27.87 4.57
CA ARG B 174 21.36 -28.67 5.69
C ARG B 174 22.76 -28.22 6.16
N ASP B 175 23.66 -28.02 5.21
CA ASP B 175 24.98 -27.58 5.53
C ASP B 175 25.00 -26.17 6.13
N ILE B 176 24.23 -25.23 5.58
CA ILE B 176 24.17 -23.87 6.19
C ILE B 176 23.65 -23.91 7.61
N LEU B 177 22.58 -24.68 7.83
CA LEU B 177 21.95 -24.67 9.16
C LEU B 177 22.79 -25.36 10.25
N SER B 178 23.68 -26.25 9.84
CA SER B 178 24.58 -26.97 10.79
C SER B 178 25.46 -26.02 11.59
N ARG B 179 25.48 -24.74 11.22
CA ARG B 179 26.19 -23.76 12.04
C ARG B 179 25.48 -23.49 13.34
N TRP B 180 24.20 -23.87 13.43
CA TRP B 180 23.48 -23.77 14.69
C TRP B 180 23.18 -25.14 15.22
N LYS B 181 22.70 -25.16 16.46
CA LYS B 181 22.10 -26.34 17.02
C LYS B 181 20.61 -26.10 16.82
N PRO B 182 19.85 -27.18 16.57
CA PRO B 182 18.38 -27.08 16.53
C PRO B 182 17.79 -26.45 17.81
N GLU B 183 18.40 -26.70 18.96
CA GLU B 183 17.96 -26.16 20.26
C GLU B 183 18.14 -24.67 20.42
N ASP B 184 18.90 -24.07 19.52
CA ASP B 184 19.16 -22.62 19.53
C ASP B 184 17.95 -21.82 19.09
N ALA B 185 17.04 -22.46 18.35
CA ALA B 185 15.94 -21.75 17.64
C ALA B 185 15.08 -20.92 18.59
N LYS B 186 14.68 -21.55 19.69
CA LYS B 186 13.83 -20.90 20.68
C LYS B 186 14.62 -20.18 21.78
N ASN B 187 15.95 -20.23 21.69
CA ASN B 187 16.82 -19.48 22.59
C ASN B 187 16.92 -18.03 22.07
N PRO B 188 16.41 -17.05 22.85
CA PRO B 188 16.39 -15.69 22.34
C PRO B 188 17.80 -15.14 22.13
N GLN B 189 18.83 -15.81 22.65
CA GLN B 189 20.20 -15.29 22.51
C GLN B 189 20.97 -15.91 21.33
N LYS B 190 20.34 -16.77 20.55
CA LYS B 190 20.99 -17.32 19.38
C LYS B 190 20.32 -16.71 18.13
N ASN B 191 21.12 -16.14 17.24
CA ASN B 191 20.60 -15.50 16.02
C ASN B 191 20.31 -16.50 14.89
N THR B 192 19.50 -17.51 15.20
CA THR B 192 19.06 -18.50 14.22
C THR B 192 18.16 -17.77 13.16
N PRO B 193 18.15 -18.28 11.91
CA PRO B 193 17.32 -17.76 10.81
C PRO B 193 15.84 -17.60 11.19
N LYS B 194 15.26 -16.47 10.82
CA LYS B 194 13.84 -16.16 11.02
C LYS B 194 13.03 -16.91 10.00
N PHE B 195 13.53 -16.94 8.78
CA PHE B 195 12.81 -17.58 7.71
C PHE B 195 13.66 -18.00 6.54
N LEU B 196 13.07 -18.88 5.72
CA LEU B 196 13.55 -19.17 4.39
C LEU B 196 12.50 -18.53 3.41
N TYR B 197 13.02 -17.76 2.47
CA TYR B 197 12.24 -17.21 1.38
C TYR B 197 12.47 -18.00 0.07
N THR B 198 11.40 -18.31 -0.64
CA THR B 198 11.55 -19.01 -1.93
C THR B 198 10.40 -18.75 -2.85
N VAL B 199 10.72 -18.76 -4.13
CA VAL B 199 9.71 -18.75 -5.17
C VAL B 199 9.77 -20.15 -5.81
N PRO B 200 8.87 -21.04 -5.37
CA PRO B 200 8.99 -22.44 -5.68
C PRO B 200 8.66 -22.79 -7.11
N ASN B 201 7.81 -22.01 -7.78
CA ASN B 201 7.39 -22.28 -9.16
C ASN B 201 7.91 -21.16 -10.05
N GLY B 202 8.74 -21.51 -11.01
CA GLY B 202 9.10 -20.57 -12.06
C GLY B 202 9.82 -19.35 -11.54
N ASN B 203 10.87 -19.56 -10.74
CA ASN B 203 11.58 -18.48 -10.06
C ASN B 203 11.96 -17.35 -11.06
N ASN B 204 11.87 -16.12 -10.61
CA ASN B 204 12.30 -14.98 -11.39
C ASN B 204 13.67 -14.67 -10.81
N PRO B 205 14.76 -14.77 -11.61
CA PRO B 205 14.85 -14.93 -13.04
C PRO B 205 15.00 -16.33 -13.64
N THR B 206 15.19 -17.37 -12.82
CA THR B 206 15.78 -18.60 -13.40
C THR B 206 14.85 -19.45 -14.22
N GLY B 207 13.52 -19.38 -13.95
CA GLY B 207 12.56 -20.31 -14.51
C GLY B 207 12.45 -21.68 -13.86
N ASN B 208 13.33 -22.00 -12.93
CA ASN B 208 13.36 -23.29 -12.29
C ASN B 208 12.27 -23.46 -11.20
N SER B 209 11.78 -24.69 -11.01
CA SER B 209 10.84 -24.99 -9.95
C SER B 209 11.36 -26.10 -9.01
N LEU B 210 10.94 -26.03 -7.74
CA LEU B 210 11.20 -27.08 -6.77
C LEU B 210 10.41 -28.32 -7.11
N THR B 211 10.96 -29.50 -6.81
CA THR B 211 10.20 -30.76 -6.88
C THR B 211 9.51 -31.04 -5.54
N SER B 212 8.48 -31.87 -5.50
CA SER B 212 7.82 -32.18 -4.20
C SER B 212 8.73 -32.90 -3.22
N GLU B 213 9.65 -33.70 -3.76
CA GLU B 213 10.66 -34.40 -2.95
C GLU B 213 11.50 -33.40 -2.20
N ARG B 214 11.89 -32.33 -2.89
CA ARG B 214 12.70 -31.28 -2.27
C ARG B 214 11.94 -30.49 -1.23
N LYS B 215 10.72 -30.11 -1.57
CA LYS B 215 9.83 -29.42 -0.67
C LYS B 215 9.63 -30.17 0.67
N LYS B 216 9.38 -31.49 0.59
CA LYS B 216 9.24 -32.33 1.79
C LYS B 216 10.49 -32.29 2.65
N GLU B 217 11.63 -32.34 1.98
CA GLU B 217 12.93 -32.33 2.62
C GLU B 217 13.24 -30.93 3.27
N ILE B 218 12.99 -29.84 2.53
CA ILE B 218 13.11 -28.47 3.08
C ILE B 218 12.14 -28.25 4.27
N TYR B 219 10.92 -28.76 4.15
CA TYR B 219 9.95 -28.63 5.22
C TYR B 219 10.48 -29.30 6.51
N GLU B 220 11.10 -30.49 6.40
CA GLU B 220 11.68 -31.15 7.60
C GLU B 220 12.79 -30.37 8.22
N LEU B 221 13.67 -29.78 7.39
CA LEU B 221 14.67 -28.84 7.92
C LEU B 221 14.06 -27.66 8.66
N ALA B 222 12.98 -27.09 8.10
CA ALA B 222 12.35 -25.88 8.66
C ALA B 222 11.76 -26.25 9.99
N ARG B 223 11.23 -27.47 10.10
CA ARG B 223 10.79 -28.02 11.40
C ARG B 223 11.98 -28.24 12.35
N LYS B 224 13.06 -28.79 11.84
CA LYS B 224 14.17 -29.20 12.71
C LYS B 224 14.86 -28.02 13.33
N TYR B 225 14.97 -26.94 12.56
CA TYR B 225 15.62 -25.70 13.01
C TYR B 225 14.62 -24.62 13.27
N ASP B 226 13.34 -24.95 13.12
CA ASP B 226 12.19 -24.10 13.51
C ASP B 226 12.22 -22.65 13.01
N PHE B 227 12.20 -22.52 11.69
CA PHE B 227 12.03 -21.20 11.07
C PHE B 227 10.77 -21.17 10.17
N LEU B 228 10.37 -20.00 9.73
CA LEU B 228 9.21 -19.89 8.87
C LEU B 228 9.59 -20.09 7.40
N ILE B 229 8.65 -20.56 6.60
CA ILE B 229 8.81 -20.61 5.15
C ILE B 229 7.90 -19.56 4.55
N ILE B 230 8.50 -18.65 3.80
CA ILE B 230 7.74 -17.66 3.09
C ILE B 230 7.73 -18.10 1.63
N GLU B 231 6.53 -18.48 1.19
CA GLU B 231 6.35 -19.12 -0.08
C GLU B 231 5.70 -18.05 -0.98
N ASP B 232 6.55 -17.38 -1.73
CA ASP B 232 6.10 -16.36 -2.64
C ASP B 232 5.87 -17.07 -3.98
N ASP B 233 4.61 -17.15 -4.43
CA ASP B 233 4.24 -18.07 -5.54
C ASP B 233 3.38 -17.36 -6.62
N PRO B 234 3.89 -16.25 -7.24
CA PRO B 234 3.13 -15.58 -8.31
C PRO B 234 2.97 -16.39 -9.61
N TYR B 235 3.72 -17.49 -9.80
CA TYR B 235 3.55 -18.38 -11.01
C TYR B 235 2.97 -19.75 -10.68
N TYR B 236 2.34 -19.83 -9.50
CA TYR B 236 1.62 -21.04 -9.16
C TYR B 236 0.68 -21.49 -10.29
N PHE B 237 -0.02 -20.53 -10.90
CA PHE B 237 -1.03 -20.78 -11.92
C PHE B 237 -0.45 -20.74 -13.36
N LEU B 238 0.87 -20.69 -13.48
CA LEU B 238 1.55 -20.83 -14.74
C LEU B 238 2.56 -21.99 -14.77
N GLN B 239 2.21 -23.16 -14.25
CA GLN B 239 3.11 -24.31 -14.34
C GLN B 239 2.85 -25.01 -15.65
N PHE B 240 3.89 -25.31 -16.39
CA PHE B 240 3.72 -25.95 -17.68
C PHE B 240 3.46 -27.47 -17.57
N ASN B 241 3.93 -28.13 -16.51
CA ASN B 241 3.47 -29.49 -16.19
C ASN B 241 2.07 -29.45 -15.65
N LYS B 242 1.14 -30.12 -16.35
CA LYS B 242 -0.30 -30.10 -16.03
C LYS B 242 -0.74 -30.63 -14.65
N PHE B 243 0.06 -31.49 -14.00
CA PHE B 243 -0.12 -31.73 -12.58
C PHE B 243 0.70 -30.70 -11.79
N ARG B 244 0.03 -29.91 -10.97
CA ARG B 244 0.73 -28.93 -10.13
C ARG B 244 1.45 -29.61 -8.97
N VAL B 245 2.66 -29.12 -8.68
CA VAL B 245 3.45 -29.58 -7.54
C VAL B 245 2.76 -29.18 -6.22
N PRO B 246 2.70 -30.11 -5.23
CA PRO B 246 2.16 -29.72 -3.91
C PRO B 246 2.87 -28.51 -3.33
N THR B 247 2.16 -27.67 -2.59
CA THR B 247 2.79 -26.44 -2.09
C THR B 247 3.25 -26.67 -0.69
N PHE B 248 4.07 -25.78 -0.14
CA PHE B 248 4.47 -25.92 1.22
C PHE B 248 3.23 -25.76 2.11
N LEU B 249 2.29 -24.92 1.67
CA LEU B 249 1.04 -24.73 2.42
C LEU B 249 0.24 -26.01 2.61
N SER B 250 0.20 -26.92 1.61
CA SER B 250 -0.55 -28.17 1.74
C SER B 250 0.08 -29.17 2.74
N MET B 251 1.36 -28.96 3.05
CA MET B 251 2.06 -29.86 3.94
C MET B 251 2.35 -29.22 5.31
N ASP B 252 1.82 -28.02 5.54
CA ASP B 252 2.12 -27.22 6.70
C ASP B 252 1.48 -27.65 8.05
N VAL B 253 1.86 -28.81 8.58
CA VAL B 253 1.35 -29.33 9.83
C VAL B 253 1.71 -28.44 11.02
N ASP B 254 2.75 -27.61 10.89
CA ASP B 254 3.25 -26.79 11.99
C ASP B 254 2.70 -25.38 12.03
N GLY B 255 1.97 -24.95 11.00
CA GLY B 255 1.64 -23.52 10.91
C GLY B 255 2.88 -22.62 10.82
N ARG B 256 3.85 -23.00 10.00
CA ARG B 256 5.08 -22.19 9.78
C ARG B 256 5.15 -21.58 8.36
N VAL B 257 4.08 -21.68 7.58
CA VAL B 257 4.11 -21.19 6.20
C VAL B 257 3.26 -19.96 5.98
N ILE B 258 3.85 -19.01 5.30
CA ILE B 258 3.14 -17.82 4.86
C ILE B 258 3.21 -17.83 3.35
N ARG B 259 2.06 -17.71 2.69
CA ARG B 259 2.00 -17.87 1.26
C ARG B 259 1.48 -16.61 0.59
N ALA B 260 2.17 -16.14 -0.45
CA ALA B 260 1.73 -15.00 -1.19
C ALA B 260 1.29 -15.42 -2.61
N ASP B 261 0.02 -15.18 -2.96
CA ASP B 261 -0.55 -15.53 -4.29
C ASP B 261 -0.86 -14.25 -5.04
N SER B 262 -0.77 -14.29 -6.38
CA SER B 262 -0.93 -13.10 -7.18
C SER B 262 -1.96 -13.36 -8.26
N PHE B 263 -2.78 -12.36 -8.55
CA PHE B 263 -3.59 -12.38 -9.74
C PHE B 263 -2.96 -11.65 -10.94
N SER B 264 -1.76 -11.12 -10.74
CA SER B 264 -1.08 -10.24 -11.72
C SER B 264 -0.77 -10.86 -13.04
N LYS B 265 -0.63 -12.18 -13.10
CA LYS B 265 -0.32 -12.87 -14.35
C LYS B 265 -1.57 -13.47 -14.99
N ILE B 266 -2.63 -13.64 -14.21
CA ILE B 266 -3.82 -14.41 -14.56
C ILE B 266 -5.05 -13.51 -14.84
N ILE B 267 -5.27 -12.53 -14.00
CA ILE B 267 -6.47 -11.72 -14.07
C ILE B 267 -6.15 -10.25 -14.43
N SER B 268 -5.26 -9.63 -13.68
CA SER B 268 -4.76 -8.28 -14.01
C SER B 268 -3.63 -7.91 -13.09
N SER B 269 -2.56 -7.35 -13.65
CA SER B 269 -1.50 -6.80 -12.82
C SER B 269 -1.82 -5.36 -12.39
N GLY B 270 -2.48 -4.59 -13.26
CA GLY B 270 -2.75 -3.19 -13.01
C GLY B 270 -3.88 -2.96 -12.01
N LEU B 271 -4.74 -3.96 -11.81
CA LEU B 271 -5.76 -3.90 -10.76
C LEU B 271 -5.23 -3.93 -9.33
N ARG B 272 -4.00 -4.42 -9.11
CA ARG B 272 -3.37 -4.48 -7.76
C ARG B 272 -4.16 -5.33 -6.73
N ILE B 273 -4.41 -6.58 -7.06
CA ILE B 273 -5.15 -7.44 -6.15
C ILE B 273 -4.35 -8.72 -5.99
N GLY B 274 -3.97 -9.05 -4.77
CA GLY B 274 -3.24 -10.30 -4.47
C GLY B 274 -3.80 -10.78 -3.14
N PHE B 275 -3.21 -11.84 -2.59
CA PHE B 275 -3.64 -12.31 -1.29
C PHE B 275 -2.56 -13.12 -0.56
N LEU B 276 -2.63 -13.01 0.74
CA LEU B 276 -1.69 -13.57 1.64
C LEU B 276 -2.45 -14.66 2.46
N THR B 277 -1.82 -15.80 2.72
CA THR B 277 -2.49 -16.86 3.50
C THR B 277 -1.46 -17.33 4.50
N GLY B 278 -1.86 -17.51 5.74
CA GLY B 278 -0.92 -18.03 6.72
C GLY B 278 -1.56 -18.12 8.07
N PRO B 279 -0.74 -18.28 9.12
CA PRO B 279 -1.22 -18.37 10.51
C PRO B 279 -1.94 -17.13 10.93
N LYS B 280 -3.15 -17.28 11.45
CA LYS B 280 -3.93 -16.13 11.91
C LYS B 280 -3.20 -15.05 12.71
N PRO B 281 -2.37 -15.41 13.71
CA PRO B 281 -1.75 -14.30 14.44
C PRO B 281 -0.78 -13.43 13.56
N LEU B 282 -0.22 -13.99 12.50
CA LEU B 282 0.70 -13.25 11.60
C LEU B 282 -0.07 -12.42 10.57
N ILE B 283 -1.11 -13.00 10.00
CA ILE B 283 -2.06 -12.27 9.17
C ILE B 283 -2.66 -11.08 9.91
N GLU B 284 -3.00 -11.25 11.20
CA GLU B 284 -3.54 -10.16 12.00
C GLU B 284 -2.52 -9.01 12.10
N ARG B 285 -1.25 -9.33 12.36
CA ARG B 285 -0.24 -8.28 12.35
C ARG B 285 -0.20 -7.51 11.02
N VAL B 286 -0.25 -8.26 9.91
CA VAL B 286 -0.23 -7.66 8.58
C VAL B 286 -1.46 -6.76 8.38
N ILE B 287 -2.67 -7.24 8.75
CA ILE B 287 -3.90 -6.42 8.63
C ILE B 287 -3.82 -5.14 9.48
N LEU B 288 -3.27 -5.23 10.68
CA LEU B 288 -3.15 -4.04 11.54
C LEU B 288 -2.24 -3.01 10.88
N HIS B 289 -1.22 -3.46 10.13
CA HIS B 289 -0.36 -2.54 9.39
C HIS B 289 -1.16 -1.96 8.20
N ILE B 290 -1.86 -2.79 7.44
CA ILE B 290 -2.78 -2.28 6.41
C ILE B 290 -3.74 -1.19 6.91
N GLN B 291 -4.30 -1.38 8.09
CA GLN B 291 -5.20 -0.41 8.68
C GLN B 291 -4.64 1.02 8.85
N VAL B 292 -3.32 1.21 8.86
CA VAL B 292 -2.72 2.55 9.01
C VAL B 292 -1.98 2.98 7.73
N SER B 293 -2.08 2.17 6.66
CA SER B 293 -1.45 2.51 5.39
C SER B 293 -2.46 2.57 4.26
N THR B 294 -2.65 1.48 3.53
CA THR B 294 -3.51 1.55 2.36
C THR B 294 -5.02 1.52 2.72
N LEU B 295 -5.31 1.10 3.96
CA LEU B 295 -6.68 0.88 4.53
C LEU B 295 -7.35 -0.37 3.94
N HIS B 296 -7.30 -0.53 2.63
CA HIS B 296 -7.79 -1.76 1.98
C HIS B 296 -7.48 -1.67 0.50
N PRO B 297 -7.59 -2.80 -0.23
CA PRO B 297 -7.48 -2.75 -1.70
C PRO B 297 -8.71 -2.06 -2.34
N SER B 298 -8.51 -1.43 -3.49
CA SER B 298 -9.64 -0.81 -4.16
C SER B 298 -10.97 -1.63 -4.06
N THR B 299 -12.01 -1.02 -3.50
CA THR B 299 -13.30 -1.74 -3.34
C THR B 299 -13.83 -2.10 -4.72
N PHE B 300 -13.76 -1.14 -5.62
CA PHE B 300 -14.19 -1.30 -7.02
C PHE B 300 -13.53 -2.51 -7.73
N ASN B 301 -12.22 -2.59 -7.66
CA ASN B 301 -11.46 -3.65 -8.31
C ASN B 301 -11.71 -5.01 -7.63
N GLN B 302 -11.90 -5.00 -6.32
CA GLN B 302 -12.33 -6.24 -5.65
C GLN B 302 -13.71 -6.73 -6.14
N LEU B 303 -14.67 -5.83 -6.29
CA LEU B 303 -16.03 -6.20 -6.79
C LEU B 303 -15.99 -6.71 -8.24
N MET B 304 -15.27 -6.02 -9.13
CA MET B 304 -14.98 -6.53 -10.46
C MET B 304 -14.46 -7.99 -10.44
N ILE B 305 -13.42 -8.28 -9.65
CA ILE B 305 -12.81 -9.61 -9.63
C ILE B 305 -13.79 -10.61 -9.02
N SER B 306 -14.40 -10.24 -7.91
CA SER B 306 -15.36 -11.12 -7.25
C SER B 306 -16.57 -11.54 -8.10
N GLN B 307 -17.12 -10.58 -8.83
CA GLN B 307 -18.20 -10.87 -9.75
C GLN B 307 -17.77 -11.80 -10.88
N LEU B 308 -16.59 -11.55 -11.46
CA LEU B 308 -16.01 -12.49 -12.44
C LEU B 308 -15.86 -13.90 -11.88
N LEU B 309 -15.40 -14.01 -10.62
CA LEU B 309 -15.01 -15.32 -10.09
C LEU B 309 -16.23 -16.03 -9.60
N HIS B 310 -17.18 -15.33 -9.02
CA HIS B 310 -18.42 -16.00 -8.67
C HIS B 310 -19.19 -16.52 -9.85
N GLU B 311 -19.24 -15.78 -10.96
CA GLU B 311 -19.89 -16.26 -12.18
C GLU B 311 -19.13 -17.42 -12.83
N TRP B 312 -17.80 -17.37 -12.83
CA TRP B 312 -16.95 -18.44 -13.34
C TRP B 312 -17.03 -19.74 -12.50
N GLY B 313 -17.11 -19.59 -11.19
CA GLY B 313 -16.93 -20.72 -10.30
C GLY B 313 -15.50 -21.22 -10.36
N GLU B 314 -15.10 -22.04 -9.39
CA GLU B 314 -13.78 -22.66 -9.45
C GLU B 314 -13.51 -23.24 -10.85
N GLU B 315 -14.51 -23.87 -11.45
CA GLU B 315 -14.33 -24.53 -12.73
C GLU B 315 -14.00 -23.57 -13.89
N GLY B 316 -14.74 -22.47 -14.04
CA GLY B 316 -14.46 -21.46 -15.05
C GLY B 316 -13.11 -20.78 -14.82
N PHE B 317 -12.78 -20.54 -13.56
CA PHE B 317 -11.49 -20.02 -13.19
C PHE B 317 -10.38 -20.94 -13.68
N MET B 318 -10.50 -22.24 -13.41
CA MET B 318 -9.45 -23.19 -13.76
C MET B 318 -9.35 -23.42 -15.26
N ALA B 319 -10.45 -23.24 -15.97
CA ALA B 319 -10.42 -23.30 -17.44
C ALA B 319 -9.62 -22.11 -18.04
N HIS B 320 -9.78 -20.94 -17.44
CA HIS B 320 -9.10 -19.71 -17.90
C HIS B 320 -7.61 -19.83 -17.63
N VAL B 321 -7.29 -20.36 -16.46
CA VAL B 321 -5.89 -20.68 -16.13
C VAL B 321 -5.27 -21.64 -17.16
N ASP B 322 -5.96 -22.76 -17.45
CA ASP B 322 -5.57 -23.59 -18.61
C ASP B 322 -5.33 -22.85 -19.94
N ARG B 323 -6.23 -21.96 -20.30
CA ARG B 323 -6.05 -21.12 -21.50
C ARG B 323 -4.79 -20.26 -21.42
N VAL B 324 -4.56 -19.66 -20.26
CA VAL B 324 -3.38 -18.79 -20.10
C VAL B 324 -2.09 -19.60 -20.11
N ILE B 325 -2.12 -20.76 -19.46
CA ILE B 325 -0.97 -21.66 -19.51
C ILE B 325 -0.67 -22.08 -20.97
N ASP B 326 -1.69 -22.36 -21.76
CA ASP B 326 -1.46 -22.77 -23.15
C ASP B 326 -0.73 -21.68 -23.94
N PHE B 327 -1.23 -20.44 -23.89
CA PHE B 327 -0.50 -19.32 -24.45
C PHE B 327 1.00 -19.27 -24.06
N TYR B 328 1.28 -19.25 -22.76
CA TYR B 328 2.65 -19.14 -22.27
C TYR B 328 3.51 -20.36 -22.66
N SER B 329 2.88 -21.53 -22.72
CA SER B 329 3.56 -22.74 -23.18
C SER B 329 4.01 -22.58 -24.62
N ASN B 330 3.11 -22.13 -25.49
CA ASN B 330 3.44 -21.83 -26.88
C ASN B 330 4.52 -20.77 -27.06
N GLN B 331 4.54 -19.76 -26.16
CA GLN B 331 5.58 -18.70 -26.20
C GLN B 331 6.93 -19.28 -25.78
N LYS B 332 6.85 -20.17 -24.81
CA LYS B 332 8.01 -20.82 -24.29
C LYS B 332 8.62 -21.70 -25.38
N ASP B 333 7.83 -22.51 -26.05
CA ASP B 333 8.32 -23.28 -27.20
C ASP B 333 8.93 -22.40 -28.30
N ALA B 334 8.30 -21.27 -28.65
CA ALA B 334 8.89 -20.29 -29.58
C ALA B 334 10.28 -19.79 -29.14
N ILE B 335 10.42 -19.37 -27.89
CA ILE B 335 11.71 -18.86 -27.49
C ILE B 335 12.82 -19.93 -27.40
N LEU B 336 12.42 -21.16 -27.06
CA LEU B 336 13.38 -22.24 -26.98
C LEU B 336 13.85 -22.63 -28.36
N ALA B 337 12.95 -22.58 -29.34
CA ALA B 337 13.31 -22.89 -30.70
C ALA B 337 14.25 -21.80 -31.24
N ALA B 338 14.00 -20.53 -30.89
CA ALA B 338 14.85 -19.45 -31.37
C ALA B 338 16.22 -19.61 -30.77
N ALA B 339 16.25 -20.06 -29.51
CA ALA B 339 17.51 -20.26 -28.83
C ALA B 339 18.22 -21.48 -29.42
N ASP B 340 17.49 -22.56 -29.71
CA ASP B 340 18.11 -23.73 -30.37
C ASP B 340 18.75 -23.32 -31.70
N LYS B 341 17.98 -22.57 -32.50
CA LYS B 341 18.45 -21.98 -33.74
C LYS B 341 19.78 -21.24 -33.63
N TRP B 342 19.84 -20.24 -32.77
CA TRP B 342 20.92 -19.23 -32.83
C TRP B 342 22.01 -19.38 -31.79
N LEU B 343 21.69 -20.01 -30.66
CA LEU B 343 22.56 -19.91 -29.49
C LEU B 343 23.21 -21.22 -29.07
N THR B 344 22.82 -22.32 -29.70
CA THR B 344 23.41 -23.62 -29.38
C THR B 344 24.95 -23.60 -29.49
N GLY B 345 25.60 -24.05 -28.41
CA GLY B 345 27.05 -24.03 -28.32
C GLY B 345 27.63 -22.71 -27.82
N LEU B 346 26.87 -21.61 -27.96
CA LEU B 346 27.32 -20.28 -27.49
C LEU B 346 26.81 -19.91 -26.09
N ALA B 347 25.88 -20.71 -25.57
CA ALA B 347 25.23 -20.39 -24.33
C ALA B 347 24.57 -21.63 -23.79
N GLU B 348 24.11 -21.55 -22.55
CA GLU B 348 23.43 -22.66 -21.85
C GLU B 348 22.19 -22.14 -21.19
N TRP B 349 21.17 -22.99 -21.14
CA TRP B 349 19.92 -22.66 -20.47
C TRP B 349 19.17 -23.95 -20.14
N HIS B 350 18.36 -23.89 -19.09
CA HIS B 350 17.38 -24.95 -18.75
C HIS B 350 15.99 -24.54 -19.19
N VAL B 351 15.22 -25.52 -19.64
CA VAL B 351 13.84 -25.32 -20.02
C VAL B 351 13.05 -24.84 -18.77
N PRO B 352 12.35 -23.70 -18.90
CA PRO B 352 11.59 -23.11 -17.78
C PRO B 352 10.49 -24.04 -17.35
N ALA B 353 10.26 -24.21 -16.06
CA ALA B 353 9.21 -25.16 -15.59
C ALA B 353 7.87 -24.44 -15.37
N ALA B 354 7.94 -23.12 -15.29
CA ALA B 354 6.79 -22.27 -15.03
C ALA B 354 7.17 -20.82 -15.34
N GLY B 355 6.17 -19.95 -15.50
CA GLY B 355 6.43 -18.50 -15.55
C GLY B 355 6.74 -17.95 -16.94
N MET B 356 7.55 -16.88 -17.02
CA MET B 356 7.63 -16.17 -18.31
C MET B 356 9.01 -15.75 -18.68
N PHE B 357 10.00 -16.41 -18.07
CA PHE B 357 11.41 -16.05 -18.26
C PHE B 357 12.33 -17.22 -18.69
N LEU B 358 13.27 -16.87 -19.58
CA LEU B 358 14.39 -17.71 -19.93
C LEU B 358 15.69 -17.12 -19.38
N TRP B 359 16.45 -17.95 -18.64
CA TRP B 359 17.70 -17.57 -18.01
C TRP B 359 18.87 -18.19 -18.78
N ILE B 360 19.67 -17.33 -19.38
CA ILE B 360 20.67 -17.74 -20.34
C ILE B 360 22.06 -17.42 -19.78
N LYS B 361 22.85 -18.47 -19.65
CA LYS B 361 24.24 -18.36 -19.28
C LYS B 361 25.09 -18.26 -20.56
N VAL B 362 25.72 -17.10 -20.77
CA VAL B 362 26.57 -16.89 -21.94
C VAL B 362 27.97 -17.45 -21.70
N LYS B 363 28.42 -18.26 -22.67
CA LYS B 363 29.73 -18.90 -22.58
C LYS B 363 30.88 -17.93 -22.85
N GLY B 364 31.96 -18.11 -22.11
CA GLY B 364 33.21 -17.44 -22.44
C GLY B 364 33.23 -15.95 -22.24
N ILE B 365 32.31 -15.42 -21.47
CA ILE B 365 32.26 -13.98 -21.19
C ILE B 365 31.98 -13.79 -19.69
N ASN B 366 32.83 -13.02 -19.04
CA ASN B 366 32.81 -12.85 -17.58
C ASN B 366 31.65 -11.98 -17.12
N ASP B 367 31.49 -10.83 -17.75
CA ASP B 367 30.38 -9.96 -17.46
C ASP B 367 29.70 -9.63 -18.75
N VAL B 368 28.37 -9.71 -18.73
CA VAL B 368 27.61 -9.51 -19.96
C VAL B 368 26.97 -8.11 -20.04
N LYS B 369 27.09 -7.34 -18.97
CA LYS B 369 26.45 -6.02 -18.84
C LYS B 369 26.94 -5.05 -19.93
N GLU B 370 28.25 -5.01 -20.13
CA GLU B 370 28.89 -4.33 -21.26
C GLU B 370 28.21 -4.68 -22.59
N LEU B 371 28.25 -5.96 -22.96
CA LEU B 371 27.64 -6.51 -24.20
C LEU B 371 26.18 -6.09 -24.48
N ILE B 372 25.38 -5.93 -23.43
CA ILE B 372 23.96 -5.58 -23.59
C ILE B 372 23.70 -4.07 -23.61
N GLU B 373 24.21 -3.36 -22.61
CA GLU B 373 23.91 -1.94 -22.45
C GLU B 373 24.53 -1.11 -23.60
N GLU B 374 25.80 -1.37 -23.88
CA GLU B 374 26.51 -0.75 -24.98
C GLU B 374 26.04 -1.31 -26.33
N LYS B 375 26.46 -2.54 -26.62
CA LYS B 375 26.41 -3.10 -27.97
C LYS B 375 25.01 -3.54 -28.44
N ALA B 376 24.28 -4.33 -27.64
CA ALA B 376 22.95 -4.82 -28.06
C ALA B 376 21.94 -3.71 -28.35
N VAL B 377 21.88 -2.72 -27.46
CA VAL B 377 21.04 -1.53 -27.61
C VAL B 377 21.29 -0.83 -28.95
N LYS B 378 22.58 -0.64 -29.26
CA LYS B 378 23.06 -0.14 -30.56
C LYS B 378 22.37 -0.87 -31.74
N MET B 379 22.22 -2.18 -31.59
CA MET B 379 21.63 -3.07 -32.58
C MET B 379 20.09 -3.17 -32.53
N GLY B 380 19.46 -2.49 -31.58
CA GLY B 380 18.00 -2.42 -31.52
C GLY B 380 17.36 -3.57 -30.75
N VAL B 381 18.15 -4.15 -29.84
CA VAL B 381 17.78 -5.34 -29.06
C VAL B 381 18.10 -5.13 -27.57
N LEU B 382 17.17 -5.54 -26.73
CA LEU B 382 17.24 -5.25 -25.32
C LEU B 382 17.04 -6.55 -24.58
N MET B 383 18.10 -7.07 -23.96
CA MET B 383 17.96 -8.16 -22.98
C MET B 383 18.30 -7.66 -21.56
N LEU B 384 18.04 -8.45 -20.50
CA LEU B 384 18.39 -7.98 -19.16
C LEU B 384 19.58 -8.74 -18.52
N PRO B 385 20.63 -8.02 -18.09
CA PRO B 385 21.78 -8.67 -17.44
C PRO B 385 21.44 -9.19 -16.06
N GLY B 386 22.14 -10.25 -15.62
CA GLY B 386 21.79 -10.99 -14.42
C GLY B 386 22.20 -10.35 -13.12
N ASN B 387 23.06 -9.35 -13.19
CA ASN B 387 23.61 -8.68 -12.01
C ASN B 387 22.60 -8.34 -10.93
N ALA B 388 21.46 -7.77 -11.30
CA ALA B 388 20.48 -7.26 -10.34
C ALA B 388 19.71 -8.38 -9.59
N PHE B 389 19.99 -9.63 -9.94
CA PHE B 389 19.36 -10.76 -9.27
C PHE B 389 20.21 -11.38 -8.17
N TYR B 390 21.30 -10.69 -7.81
CA TYR B 390 22.22 -11.16 -6.77
C TYR B 390 22.33 -10.13 -5.65
N VAL B 391 22.70 -10.58 -4.46
CA VAL B 391 22.89 -9.65 -3.34
C VAL B 391 24.05 -8.72 -3.65
N ASP B 392 25.17 -9.26 -4.10
CA ASP B 392 26.21 -8.37 -4.60
C ASP B 392 26.07 -8.20 -6.11
N SER B 393 25.40 -7.13 -6.49
CA SER B 393 25.04 -6.89 -7.88
C SER B 393 26.13 -6.18 -8.67
N SER B 394 27.25 -5.89 -8.01
CA SER B 394 28.45 -5.36 -8.62
C SER B 394 29.36 -6.47 -9.13
N ALA B 395 29.28 -7.65 -8.53
CA ALA B 395 29.91 -8.83 -9.12
C ALA B 395 29.53 -9.00 -10.61
N PRO B 396 30.50 -9.45 -11.44
CA PRO B 396 30.28 -9.79 -12.86
C PRO B 396 29.21 -10.86 -13.06
N SER B 397 28.47 -10.78 -14.13
CA SER B 397 27.48 -11.80 -14.42
C SER B 397 27.47 -12.23 -15.89
N PRO B 398 27.65 -13.53 -16.15
CA PRO B 398 27.45 -14.06 -17.50
C PRO B 398 26.00 -14.35 -17.90
N TYR B 399 25.03 -14.12 -17.00
CA TYR B 399 23.65 -14.46 -17.31
C TYR B 399 22.82 -13.30 -17.83
N LEU B 400 21.82 -13.63 -18.64
CA LEU B 400 20.78 -12.68 -18.98
C LEU B 400 19.41 -13.31 -18.91
N ARG B 401 18.45 -12.50 -18.50
CA ARG B 401 17.07 -12.90 -18.39
C ARG B 401 16.31 -12.46 -19.64
N ALA B 402 15.71 -13.41 -20.36
CA ALA B 402 14.96 -13.09 -21.56
C ALA B 402 13.49 -13.33 -21.28
N SER B 403 12.65 -12.33 -21.51
CA SER B 403 11.21 -12.55 -21.33
C SER B 403 10.54 -13.09 -22.58
N PHE B 404 9.69 -14.10 -22.39
CA PHE B 404 8.90 -14.62 -23.48
C PHE B 404 7.40 -14.36 -23.43
N SER B 405 6.96 -13.41 -22.60
CA SER B 405 5.51 -13.19 -22.45
C SER B 405 4.86 -12.53 -23.67
N SER B 406 5.64 -11.78 -24.44
CA SER B 406 5.09 -10.85 -25.47
C SER B 406 5.65 -10.97 -26.88
N ALA B 407 6.97 -11.13 -27.02
CA ALA B 407 7.59 -11.17 -28.34
C ALA B 407 6.98 -12.20 -29.27
N SER B 408 6.95 -11.85 -30.55
CA SER B 408 6.55 -12.73 -31.62
C SER B 408 7.74 -13.60 -31.94
N PRO B 409 7.52 -14.76 -32.55
CA PRO B 409 8.57 -15.56 -33.24
C PRO B 409 9.55 -14.78 -34.19
N GLU B 410 9.07 -13.87 -35.04
CA GLU B 410 9.99 -12.97 -35.80
C GLU B 410 10.99 -12.25 -34.90
N GLN B 411 10.47 -11.60 -33.85
CA GLN B 411 11.27 -10.78 -32.91
C GLN B 411 12.25 -11.56 -32.03
N MET B 412 11.85 -12.77 -31.65
CA MET B 412 12.73 -13.70 -30.97
C MET B 412 13.87 -14.14 -31.89
N ASP B 413 13.53 -14.50 -33.13
CA ASP B 413 14.52 -14.86 -34.15
C ASP B 413 15.54 -13.71 -34.34
N VAL B 414 15.06 -12.49 -34.58
CA VAL B 414 15.96 -11.30 -34.64
C VAL B 414 16.80 -11.07 -33.36
N ALA B 415 16.15 -11.12 -32.20
CA ALA B 415 16.87 -10.91 -30.95
C ALA B 415 18.05 -11.89 -30.75
N PHE B 416 17.84 -13.19 -31.04
CA PHE B 416 18.89 -14.19 -30.82
C PHE B 416 20.02 -14.22 -31.86
N GLN B 417 19.72 -13.89 -33.13
CA GLN B 417 20.78 -13.62 -34.13
C GLN B 417 21.71 -12.54 -33.64
N VAL B 418 21.15 -11.44 -33.16
CA VAL B 418 21.97 -10.33 -32.61
C VAL B 418 22.79 -10.79 -31.39
N LEU B 419 22.14 -11.51 -30.47
CA LEU B 419 22.84 -11.97 -29.29
C LEU B 419 23.99 -12.92 -29.72
N ALA B 420 23.69 -13.85 -30.64
CA ALA B 420 24.69 -14.76 -31.27
C ALA B 420 25.87 -13.99 -31.89
N GLN B 421 25.55 -13.01 -32.73
CA GLN B 421 26.56 -12.13 -33.32
C GLN B 421 27.46 -11.54 -32.24
N LEU B 422 26.85 -10.98 -31.20
CA LEU B 422 27.58 -10.31 -30.14
C LEU B 422 28.37 -11.23 -29.23
N ILE B 423 27.84 -12.42 -28.97
CA ILE B 423 28.58 -13.37 -28.17
C ILE B 423 29.91 -13.66 -28.86
N LYS B 424 29.81 -14.01 -30.12
CA LYS B 424 30.98 -14.38 -30.91
C LYS B 424 31.98 -13.23 -31.01
N GLU B 425 31.50 -12.02 -31.31
CA GLU B 425 32.38 -10.83 -31.42
C GLU B 425 33.04 -10.48 -30.09
N SER B 426 32.48 -10.93 -28.98
CA SER B 426 33.03 -10.59 -27.68
C SER B 426 33.90 -11.74 -27.14
N LEU B 427 33.94 -12.79 -27.95
CA LEU B 427 34.96 -13.86 -27.95
C LEU B 427 34.63 -14.97 -26.96
#